data_6HTK
#
_entry.id   6HTK
#
_cell.length_a   94.650
_cell.length_b   47.010
_cell.length_c   114.080
_cell.angle_alpha   90.00
_cell.angle_beta   108.91
_cell.angle_gamma   90.00
#
_symmetry.space_group_name_H-M   'P 1 2 1'
#
loop_
_entity.id
_entity.type
_entity.pdbx_description
1 polymer '3-methyl-2-indolic acid synthase'
2 non-polymer 'IRON/SULFUR CLUSTER'
3 non-polymer GLYCEROL
4 non-polymer 'BROMIDE ION'
5 non-polymer 'SODIUM ION'
6 non-polymer S-ADENOSYL-L-HOMOCYSTEINE
7 non-polymer METHIONINE
8 non-polymer "5'-DEOXYADENOSINE"
9 non-polymer '1H-indole-2-carboxylic acid'
10 non-polymer 'POTASSIUM ION'
11 water water
#
_entity_poly.entity_id   1
_entity_poly.type   'polypeptide(L)'
_entity_poly.pdbx_seq_one_letter_code
;MTQNSQAMTSHAMTGDFVLPELEDVRAEAATVDTRAVLALAEGEEPAESRAAVALALWEDRSIGTAELQAAAEARCGARR
PRLHTFVPLYTTNYCDSECKMCSMRKGNHRLDRKFSGRKEITEQLEILYHHEGVRGVGFLTGEYEDKHTRLASAFRIGWA
IRTALDLGFERVYFNIGSMEQDEIDVLGEWIGREDPVTMCVFQESYDRETYRRFMGKTSVGVPKADFDRRVVSFDRWLDA
GYRYVNPGVLVGLHDDLSAELVSLVAHGDHLRSRGATADLSVPRMRPAMKSRDTTRVGDDDYLRLMSVVAFTCPEQRLVL
TTREPQEFQDVALGLAGVISPGSPDVAPYRAGCEARNDEKSSQFLVADLRRPRHILGRIEASGTPVDHFVNPAGEASRAV
;
_entity_poly.pdbx_strand_id   A,B
#
loop_
_chem_comp.id
_chem_comp.type
_chem_comp.name
_chem_comp.formula
5AD non-polymer 5'-DEOXYADENOSINE 'C10 H13 N5 O3'
BR non-polymer 'BROMIDE ION' 'Br -1'
GOL non-polymer GLYCEROL 'C3 H8 O3'
ICB non-polymer '1H-indole-2-carboxylic acid' 'C9 H7 N O2'
K non-polymer 'POTASSIUM ION' 'K 1'
NA non-polymer 'SODIUM ION' 'Na 1'
SAH non-polymer S-ADENOSYL-L-HOMOCYSTEINE 'C14 H20 N6 O5 S'
SF4 non-polymer 'IRON/SULFUR CLUSTER' 'Fe4 S4'
#
# COMPACT_ATOMS: atom_id res chain seq x y z
N GLY A 15 -25.49 -40.03 -6.40
CA GLY A 15 -25.75 -38.78 -5.73
C GLY A 15 -24.56 -37.84 -5.70
N ASP A 16 -23.36 -38.42 -5.69
CA ASP A 16 -22.14 -37.62 -5.72
C ASP A 16 -21.86 -37.11 -7.12
N PHE A 17 -20.96 -36.12 -7.20
CA PHE A 17 -20.58 -35.56 -8.48
C PHE A 17 -19.83 -36.59 -9.32
N VAL A 18 -20.14 -36.63 -10.61
CA VAL A 18 -19.48 -37.51 -11.56
C VAL A 18 -18.88 -36.65 -12.65
N LEU A 19 -17.61 -36.89 -12.97
CA LEU A 19 -16.94 -36.14 -14.02
C LEU A 19 -17.64 -36.39 -15.35
N PRO A 20 -18.01 -35.35 -16.09
CA PRO A 20 -18.58 -35.57 -17.42
C PRO A 20 -17.52 -36.06 -18.38
N GLU A 21 -17.96 -36.86 -19.35
CA GLU A 21 -17.08 -37.28 -20.43
C GLU A 21 -17.02 -36.18 -21.48
N LEU A 22 -15.82 -35.69 -21.76
CA LEU A 22 -15.68 -34.50 -22.61
C LEU A 22 -16.22 -34.75 -24.01
N GLU A 23 -16.05 -35.97 -24.53
CA GLU A 23 -16.54 -36.26 -25.88
C GLU A 23 -18.05 -36.14 -25.97
N ASP A 24 -18.76 -36.46 -24.87
CA ASP A 24 -20.22 -36.29 -24.87
C ASP A 24 -20.59 -34.82 -24.87
N VAL A 25 -19.95 -34.01 -24.03
CA VAL A 25 -20.21 -32.58 -23.99
C VAL A 25 -19.85 -31.93 -25.32
N ARG A 26 -18.81 -32.44 -25.99
CA ARG A 26 -18.46 -31.93 -27.31
C ARG A 26 -19.59 -32.15 -28.31
N ALA A 27 -20.20 -33.33 -28.30
CA ALA A 27 -21.30 -33.61 -29.22
C ALA A 27 -22.46 -32.65 -28.98
N GLU A 28 -22.78 -32.39 -27.71
CA GLU A 28 -23.87 -31.46 -27.41
C GLU A 28 -23.49 -30.02 -27.77
N ALA A 29 -22.22 -29.66 -27.55
CA ALA A 29 -21.77 -28.31 -27.90
C ALA A 29 -21.92 -28.04 -29.39
N ALA A 30 -21.79 -29.07 -30.23
CA ALA A 30 -21.93 -28.90 -31.66
C ALA A 30 -23.35 -28.53 -32.07
N THR A 31 -24.33 -28.77 -31.20
CA THR A 31 -25.71 -28.44 -31.50
C THR A 31 -26.14 -27.08 -30.95
N VAL A 32 -25.26 -26.39 -30.25
CA VAL A 32 -25.60 -25.14 -29.58
C VAL A 32 -25.48 -23.99 -30.58
N ASP A 33 -26.52 -23.15 -30.64
CA ASP A 33 -26.50 -21.92 -31.45
C ASP A 33 -25.95 -20.81 -30.55
N THR A 34 -24.65 -20.52 -30.69
CA THR A 34 -23.99 -19.57 -29.80
C THR A 34 -24.55 -18.17 -29.94
N ARG A 35 -24.94 -17.78 -31.15
CA ARG A 35 -25.51 -16.45 -31.34
C ARG A 35 -26.87 -16.33 -30.67
N ALA A 36 -27.69 -17.39 -30.74
CA ALA A 36 -28.97 -17.37 -30.04
C ALA A 36 -28.78 -17.38 -28.54
N VAL A 37 -27.69 -18.00 -28.05
CA VAL A 37 -27.39 -17.98 -26.63
C VAL A 37 -27.13 -16.53 -26.18
N LEU A 38 -26.31 -15.80 -26.93
CA LEU A 38 -25.98 -14.43 -26.55
C LEU A 38 -27.22 -13.52 -26.58
N ALA A 39 -28.21 -13.87 -27.40
CA ALA A 39 -29.42 -13.06 -27.50
C ALA A 39 -30.43 -13.34 -26.40
N LEU A 40 -30.14 -14.29 -25.51
CA LEU A 40 -31.06 -14.63 -24.44
C LEU A 40 -31.19 -13.48 -23.44
N ALA A 41 -32.41 -13.28 -22.95
CA ALA A 41 -32.63 -12.32 -21.88
C ALA A 41 -31.96 -12.81 -20.59
N GLU A 42 -31.72 -11.86 -19.68
CA GLU A 42 -30.93 -12.17 -18.48
C GLU A 42 -31.65 -13.10 -17.52
N GLY A 43 -32.90 -13.48 -17.78
CA GLY A 43 -33.58 -14.43 -16.92
C GLY A 43 -33.58 -15.83 -17.49
N GLU A 44 -33.61 -15.93 -18.81
CA GLU A 44 -33.83 -17.22 -19.47
C GLU A 44 -32.53 -18.03 -19.53
N GLU A 45 -32.70 -19.35 -19.67
CA GLU A 45 -31.66 -20.36 -19.66
C GLU A 45 -31.63 -21.10 -20.98
N PRO A 46 -30.44 -21.39 -21.53
CA PRO A 46 -30.36 -22.15 -22.77
C PRO A 46 -30.99 -23.53 -22.63
N ALA A 47 -31.39 -24.10 -23.78
CA ALA A 47 -31.99 -25.42 -23.78
C ALA A 47 -30.95 -26.52 -23.52
N GLU A 48 -29.71 -26.31 -23.95
CA GLU A 48 -28.66 -27.29 -23.77
C GLU A 48 -28.03 -27.16 -22.39
N SER A 49 -27.17 -28.11 -22.04
CA SER A 49 -26.54 -28.11 -20.74
C SER A 49 -25.53 -26.96 -20.64
N ARG A 50 -25.26 -26.54 -19.39
CA ARG A 50 -24.36 -25.42 -19.18
C ARG A 50 -22.94 -25.74 -19.63
N ALA A 51 -22.47 -26.95 -19.36
CA ALA A 51 -21.12 -27.33 -19.80
C ALA A 51 -21.02 -27.31 -21.32
N ALA A 52 -22.08 -27.74 -22.01
CA ALA A 52 -22.07 -27.73 -23.47
C ALA A 52 -22.13 -26.31 -24.02
N VAL A 53 -22.97 -25.46 -23.42
CA VAL A 53 -23.03 -24.06 -23.86
C VAL A 53 -21.69 -23.38 -23.60
N ALA A 54 -21.07 -23.68 -22.46
CA ALA A 54 -19.79 -23.07 -22.13
C ALA A 54 -18.72 -23.45 -23.16
N LEU A 55 -18.65 -24.73 -23.51
CA LEU A 55 -17.68 -25.16 -24.50
C LEU A 55 -17.93 -24.52 -25.86
N ALA A 56 -19.21 -24.39 -26.24
CA ALA A 56 -19.54 -23.82 -27.54
C ALA A 56 -19.12 -22.35 -27.61
N LEU A 57 -19.43 -21.58 -26.57
CA LEU A 57 -19.01 -20.17 -26.53
C LEU A 57 -17.48 -20.06 -26.54
N TRP A 58 -16.79 -20.98 -25.85
CA TRP A 58 -15.34 -20.93 -25.78
C TRP A 58 -14.70 -21.13 -27.15
N GLU A 59 -15.22 -22.07 -27.93
CA GLU A 59 -14.58 -22.47 -29.18
C GLU A 59 -15.10 -21.72 -30.40
N ASP A 60 -16.13 -20.89 -30.24
CA ASP A 60 -16.67 -20.10 -31.36
C ASP A 60 -15.88 -18.80 -31.41
N ARG A 61 -14.78 -18.81 -32.17
CA ARG A 61 -13.89 -17.65 -32.23
C ARG A 61 -14.47 -16.51 -33.05
N SER A 62 -15.59 -16.71 -33.75
CA SER A 62 -16.28 -15.57 -34.34
C SER A 62 -16.88 -14.65 -33.29
N ILE A 63 -16.92 -15.09 -32.04
CA ILE A 63 -17.32 -14.24 -30.92
C ILE A 63 -16.03 -13.81 -30.21
N GLY A 64 -15.72 -12.52 -30.30
CA GLY A 64 -14.51 -12.02 -29.66
C GLY A 64 -14.56 -12.14 -28.15
N THR A 65 -13.37 -12.21 -27.55
CA THR A 65 -13.28 -12.29 -26.09
C THR A 65 -13.87 -11.06 -25.43
N ALA A 66 -13.57 -9.88 -25.98
CA ALA A 66 -14.15 -8.64 -25.45
C ALA A 66 -15.66 -8.67 -25.52
N GLU A 67 -16.22 -9.13 -26.64
CA GLU A 67 -17.66 -9.23 -26.77
C GLU A 67 -18.23 -10.28 -25.81
N LEU A 68 -17.51 -11.39 -25.61
CA LEU A 68 -17.94 -12.38 -24.63
C LEU A 68 -17.95 -11.80 -23.21
N GLN A 69 -16.92 -11.01 -22.88
CA GLN A 69 -16.88 -10.41 -21.54
C GLN A 69 -18.01 -9.41 -21.34
N ALA A 70 -18.32 -8.61 -22.37
CA ALA A 70 -19.42 -7.65 -22.26
C ALA A 70 -20.74 -8.37 -22.02
N ALA A 71 -20.98 -9.48 -22.73
CA ALA A 71 -22.22 -10.21 -22.55
C ALA A 71 -22.28 -10.85 -21.16
N ALA A 72 -21.15 -11.33 -20.65
CA ALA A 72 -21.14 -11.95 -19.32
C ALA A 72 -21.42 -10.92 -18.24
N GLU A 73 -20.81 -9.72 -18.35
CA GLU A 73 -21.03 -8.70 -17.34
C GLU A 73 -22.48 -8.23 -17.32
N ALA A 74 -23.09 -8.08 -18.49
CA ALA A 74 -24.50 -7.71 -18.55
C ALA A 74 -25.39 -8.80 -17.99
N ARG A 75 -25.09 -10.07 -18.30
CA ARG A 75 -25.91 -11.18 -17.81
C ARG A 75 -25.83 -11.31 -16.30
N CYS A 76 -24.74 -10.85 -15.69
CA CYS A 76 -24.58 -10.84 -14.24
C CYS A 76 -24.86 -9.47 -13.64
N GLY A 77 -25.29 -8.50 -14.44
CA GLY A 77 -25.41 -7.14 -13.95
C GLY A 77 -26.50 -6.95 -12.92
N ALA A 78 -27.57 -7.74 -12.99
CA ALA A 78 -28.68 -7.60 -12.06
C ALA A 78 -28.39 -8.22 -10.70
N ARG A 79 -27.30 -8.97 -10.58
CA ARG A 79 -27.00 -9.69 -9.35
C ARG A 79 -26.70 -8.74 -8.21
N ARG A 80 -27.32 -8.98 -7.05
CA ARG A 80 -27.16 -8.13 -5.88
C ARG A 80 -26.79 -8.97 -4.68
N PRO A 81 -25.77 -8.58 -3.89
CA PRO A 81 -24.93 -7.41 -4.16
C PRO A 81 -23.96 -7.67 -5.30
N ARG A 82 -23.50 -6.60 -5.96
CA ARG A 82 -22.59 -6.78 -7.09
C ARG A 82 -21.27 -7.41 -6.67
N LEU A 83 -20.80 -7.08 -5.47
CA LEU A 83 -19.54 -7.61 -4.96
C LEU A 83 -19.62 -7.73 -3.45
N HIS A 84 -19.04 -8.81 -2.91
CA HIS A 84 -18.68 -8.88 -1.50
C HIS A 84 -17.25 -9.38 -1.40
N THR A 85 -16.67 -9.27 -0.21
CA THR A 85 -15.23 -9.46 -0.05
C THR A 85 -14.92 -10.34 1.15
N PHE A 86 -13.77 -11.03 1.05
CA PHE A 86 -13.17 -11.72 2.18
C PHE A 86 -11.66 -11.67 2.00
N VAL A 87 -10.96 -11.61 3.12
CA VAL A 87 -9.49 -11.51 3.14
C VAL A 87 -8.94 -12.85 3.61
N PRO A 88 -7.95 -13.42 2.92
CA PRO A 88 -7.39 -14.70 3.36
C PRO A 88 -6.55 -14.54 4.62
N LEU A 89 -6.68 -15.51 5.52
CA LEU A 89 -5.85 -15.60 6.72
C LEU A 89 -5.28 -17.01 6.78
N TYR A 90 -4.03 -17.17 6.36
CA TYR A 90 -3.35 -18.46 6.49
C TYR A 90 -2.97 -18.69 7.95
N THR A 91 -3.56 -19.71 8.57
CA THR A 91 -3.35 -19.98 9.99
C THR A 91 -2.08 -20.77 10.26
N THR A 92 -1.44 -21.30 9.22
CA THR A 92 -0.24 -22.09 9.33
C THR A 92 0.25 -22.34 7.90
N ASN A 93 1.53 -22.68 7.77
CA ASN A 93 2.06 -23.11 6.49
C ASN A 93 2.66 -24.51 6.56
N TYR A 94 2.35 -25.26 7.61
CA TYR A 94 2.65 -26.68 7.62
C TYR A 94 1.74 -27.42 6.65
N CYS A 95 2.26 -28.48 6.05
CA CYS A 95 1.46 -29.31 5.17
C CYS A 95 2.14 -30.67 5.02
N ASP A 96 1.33 -31.70 4.88
CA ASP A 96 1.83 -33.06 4.66
C ASP A 96 1.85 -33.46 3.19
N SER A 97 1.28 -32.66 2.30
CA SER A 97 1.20 -33.02 0.89
C SER A 97 2.38 -32.43 0.12
N GLU A 98 2.41 -32.69 -1.19
CA GLU A 98 3.57 -32.41 -2.03
C GLU A 98 3.13 -31.81 -3.37
N CYS A 99 2.28 -30.80 -3.34
CA CYS A 99 1.87 -30.16 -4.57
C CYS A 99 3.06 -29.42 -5.18
N LYS A 100 3.42 -29.80 -6.41
CA LYS A 100 4.67 -29.35 -7.00
C LYS A 100 4.66 -27.89 -7.41
N MET A 101 3.49 -27.24 -7.47
CA MET A 101 3.43 -25.82 -7.79
C MET A 101 3.25 -24.95 -6.55
N CYS A 102 3.36 -25.54 -5.36
CA CYS A 102 3.07 -24.85 -4.10
C CYS A 102 4.29 -24.87 -3.19
N SER A 103 4.61 -23.71 -2.61
CA SER A 103 5.77 -23.61 -1.74
C SER A 103 5.55 -24.29 -0.38
N MET A 104 4.30 -24.57 0.00
CA MET A 104 4.03 -25.21 1.28
C MET A 104 4.19 -26.72 1.24
N ARG A 105 4.55 -27.30 0.10
CA ARG A 105 4.77 -28.73 0.01
C ARG A 105 5.76 -29.20 1.06
N LYS A 106 5.48 -30.38 1.63
CA LYS A 106 6.29 -30.89 2.74
C LYS A 106 7.76 -31.00 2.36
N GLY A 107 8.04 -31.40 1.12
CA GLY A 107 9.42 -31.56 0.68
C GLY A 107 10.19 -30.27 0.50
N ASN A 108 9.54 -29.12 0.64
CA ASN A 108 10.22 -27.83 0.54
C ASN A 108 10.85 -27.51 1.89
N HIS A 109 12.09 -27.98 2.08
CA HIS A 109 12.80 -27.79 3.33
C HIS A 109 13.34 -26.38 3.51
N ARG A 110 13.16 -25.50 2.52
CA ARG A 110 13.60 -24.12 2.65
C ARG A 110 12.57 -23.25 3.35
N LEU A 111 11.32 -23.69 3.44
CA LEU A 111 10.27 -22.86 4.02
C LEU A 111 10.42 -22.78 5.54
N ASP A 112 10.20 -21.58 6.08
CA ASP A 112 10.15 -21.37 7.52
C ASP A 112 8.73 -21.63 7.99
N ARG A 113 8.54 -22.77 8.66
CA ARG A 113 7.19 -23.20 9.03
C ARG A 113 6.69 -22.43 10.24
N LYS A 114 5.45 -21.96 10.16
CA LYS A 114 4.85 -21.15 11.22
C LYS A 114 3.46 -21.70 11.57
N PHE A 115 2.99 -21.32 12.75
CA PHE A 115 1.72 -21.82 13.29
C PHE A 115 1.12 -20.75 14.19
N SER A 116 -0.12 -20.35 13.90
CA SER A 116 -0.80 -19.31 14.66
C SER A 116 -1.63 -19.95 15.77
N GLY A 117 -1.39 -19.52 17.01
CA GLY A 117 -2.17 -19.95 18.14
C GLY A 117 -3.39 -19.08 18.36
N ARG A 118 -3.98 -19.22 19.55
CA ARG A 118 -5.19 -18.48 19.89
C ARG A 118 -4.95 -16.97 19.85
N LYS A 119 -3.82 -16.52 20.41
CA LYS A 119 -3.55 -15.09 20.48
C LYS A 119 -3.37 -14.50 19.09
N GLU A 120 -2.57 -15.17 18.26
CA GLU A 120 -2.23 -14.61 16.94
C GLU A 120 -3.44 -14.58 16.02
N ILE A 121 -4.23 -15.67 15.99
CA ILE A 121 -5.42 -15.69 15.13
C ILE A 121 -6.37 -14.56 15.53
N THR A 122 -6.63 -14.42 16.84
CA THR A 122 -7.51 -13.36 17.32
C THR A 122 -6.99 -11.99 16.93
N GLU A 123 -5.69 -11.75 17.12
CA GLU A 123 -5.12 -10.45 16.80
C GLU A 123 -5.26 -10.14 15.32
N GLN A 124 -5.02 -11.14 14.45
CA GLN A 124 -5.16 -10.93 13.02
C GLN A 124 -6.60 -10.60 12.65
N LEU A 125 -7.56 -11.29 13.28
CA LEU A 125 -8.97 -11.00 13.03
C LEU A 125 -9.33 -9.58 13.45
N GLU A 126 -8.79 -9.13 14.59
CA GLU A 126 -9.06 -7.78 15.06
CA GLU A 126 -9.08 -7.78 15.04
C GLU A 126 -8.44 -6.74 14.14
N ILE A 127 -7.25 -7.03 13.59
CA ILE A 127 -6.61 -6.10 12.66
C ILE A 127 -7.46 -5.97 11.41
N LEU A 128 -7.89 -7.10 10.83
CA LEU A 128 -8.69 -7.08 9.61
C LEU A 128 -10.03 -6.39 9.84
N TYR A 129 -10.65 -6.64 10.99
CA TYR A 129 -11.95 -6.06 11.27
C TYR A 129 -11.85 -4.55 11.50
N HIS A 130 -10.94 -4.13 12.37
CA HIS A 130 -10.90 -2.74 12.84
CA HIS A 130 -10.95 -2.74 12.80
C HIS A 130 -10.10 -1.84 11.91
N HIS A 131 -8.97 -2.32 11.41
CA HIS A 131 -8.10 -1.47 10.60
C HIS A 131 -8.31 -1.62 9.11
N GLU A 132 -8.68 -2.81 8.63
CA GLU A 132 -9.00 -2.97 7.21
C GLU A 132 -10.48 -2.83 6.93
N GLY A 133 -11.33 -2.94 7.95
CA GLY A 133 -12.75 -2.72 7.77
C GLY A 133 -13.49 -3.82 7.04
N VAL A 134 -12.94 -5.03 7.02
CA VAL A 134 -13.57 -6.13 6.30
C VAL A 134 -14.43 -6.94 7.25
N ARG A 135 -15.49 -7.53 6.70
CA ARG A 135 -16.39 -8.42 7.43
C ARG A 135 -16.41 -9.81 6.82
N GLY A 136 -15.47 -10.11 5.94
CA GLY A 136 -15.31 -11.45 5.43
C GLY A 136 -13.87 -11.91 5.60
N VAL A 137 -13.71 -13.17 5.97
CA VAL A 137 -12.39 -13.73 6.22
C VAL A 137 -12.37 -15.17 5.74
N GLY A 138 -11.20 -15.63 5.30
CA GLY A 138 -11.02 -17.02 4.93
C GLY A 138 -9.85 -17.64 5.67
N PHE A 139 -10.07 -18.80 6.26
CA PHE A 139 -9.02 -19.51 7.00
C PHE A 139 -8.43 -20.59 6.11
N LEU A 140 -7.10 -20.67 6.08
CA LEU A 140 -6.40 -21.64 5.26
C LEU A 140 -5.36 -22.38 6.08
N THR A 141 -5.16 -23.66 5.72
CA THR A 141 -4.13 -24.51 6.29
C THR A 141 -3.54 -25.34 5.16
N GLY A 142 -2.61 -26.22 5.52
CA GLY A 142 -2.22 -27.30 4.65
C GLY A 142 -3.25 -28.42 4.71
N GLU A 143 -2.93 -29.53 4.05
CA GLU A 143 -3.69 -30.76 4.20
C GLU A 143 -2.77 -31.80 4.80
N TYR A 144 -3.30 -32.58 5.75
CA TYR A 144 -2.50 -33.45 6.58
C TYR A 144 -2.92 -34.90 6.36
N GLU A 145 -2.01 -35.81 6.71
CA GLU A 145 -2.14 -37.22 6.34
C GLU A 145 -2.86 -38.05 7.39
N ASP A 146 -2.34 -38.09 8.61
N ASP A 146 -2.33 -38.08 8.61
CA ASP A 146 -2.91 -38.99 9.61
CA ASP A 146 -2.90 -38.88 9.68
C ASP A 146 -4.22 -38.42 10.14
C ASP A 146 -4.29 -38.39 10.06
N LYS A 147 -5.14 -39.33 10.46
CA LYS A 147 -6.51 -38.97 10.83
C LYS A 147 -6.54 -38.04 12.05
N HIS A 148 -5.67 -38.28 13.03
CA HIS A 148 -5.69 -37.43 14.23
C HIS A 148 -5.31 -35.99 13.89
N THR A 149 -4.30 -35.80 13.04
CA THR A 149 -3.92 -34.46 12.65
C THR A 149 -5.04 -33.76 11.87
N ARG A 150 -5.70 -34.49 10.95
CA ARG A 150 -6.82 -33.90 10.22
C ARG A 150 -7.95 -33.50 11.16
N LEU A 151 -8.24 -34.34 12.15
CA LEU A 151 -9.30 -34.01 13.11
C LEU A 151 -8.90 -32.84 13.99
N ALA A 152 -7.64 -32.82 14.46
CA ALA A 152 -7.17 -31.69 15.24
C ALA A 152 -7.15 -30.40 14.42
N SER A 153 -6.88 -30.50 13.12
CA SER A 153 -6.93 -29.32 12.26
C SER A 153 -8.36 -28.81 12.11
N ALA A 154 -9.31 -29.73 11.89
CA ALA A 154 -10.71 -29.34 11.80
C ALA A 154 -11.18 -28.65 13.07
N PHE A 155 -10.69 -29.11 14.24
CA PHE A 155 -11.08 -28.50 15.50
C PHE A 155 -10.61 -27.06 15.61
N ARG A 156 -9.33 -26.82 15.29
CA ARG A 156 -8.78 -25.47 15.40
C ARG A 156 -9.47 -24.51 14.43
N ILE A 157 -9.69 -24.95 13.19
CA ILE A 157 -10.32 -24.08 12.20
C ILE A 157 -11.78 -23.85 12.55
N GLY A 158 -12.46 -24.87 13.08
CA GLY A 158 -13.80 -24.67 13.59
C GLY A 158 -13.85 -23.62 14.67
N TRP A 159 -12.91 -23.66 15.62
CA TRP A 159 -12.81 -22.61 16.63
C TRP A 159 -12.58 -21.25 15.99
N ALA A 160 -11.72 -21.18 14.96
CA ALA A 160 -11.44 -19.90 14.31
C ALA A 160 -12.68 -19.35 13.61
N ILE A 161 -13.47 -20.22 12.99
CA ILE A 161 -14.70 -19.79 12.33
C ILE A 161 -15.67 -19.22 13.34
N ARG A 162 -15.91 -19.97 14.43
CA ARG A 162 -16.79 -19.49 15.48
C ARG A 162 -16.29 -18.18 16.06
N THR A 163 -14.98 -18.05 16.25
CA THR A 163 -14.42 -16.83 16.81
C THR A 163 -14.63 -15.64 15.86
N ALA A 164 -14.46 -15.88 14.56
CA ALA A 164 -14.67 -14.81 13.59
C ALA A 164 -16.14 -14.37 13.57
N LEU A 165 -17.06 -15.34 13.53
CA LEU A 165 -18.48 -15.01 13.53
C LEU A 165 -18.87 -14.24 14.78
N ASP A 166 -18.38 -14.67 15.95
CA ASP A 166 -18.69 -13.96 17.18
C ASP A 166 -18.13 -12.54 17.19
N LEU A 167 -17.01 -12.31 16.48
CA LEU A 167 -16.42 -10.98 16.38
C LEU A 167 -17.20 -10.05 15.46
N GLY A 168 -18.17 -10.56 14.70
CA GLY A 168 -18.91 -9.74 13.77
C GLY A 168 -18.59 -9.97 12.31
N PHE A 169 -17.76 -10.96 11.98
CA PHE A 169 -17.57 -11.32 10.58
C PHE A 169 -18.85 -11.92 10.03
N GLU A 170 -19.32 -11.38 8.91
CA GLU A 170 -20.58 -11.79 8.32
CA GLU A 170 -20.58 -11.79 8.32
C GLU A 170 -20.43 -12.89 7.27
N ARG A 171 -19.21 -13.31 6.96
CA ARG A 171 -18.99 -14.35 5.97
C ARG A 171 -17.62 -14.95 6.23
N VAL A 172 -17.55 -16.28 6.29
CA VAL A 172 -16.30 -16.98 6.60
C VAL A 172 -16.10 -18.09 5.58
N TYR A 173 -14.98 -18.03 4.86
CA TYR A 173 -14.53 -19.13 4.02
C TYR A 173 -13.53 -19.98 4.78
N PHE A 174 -13.41 -21.25 4.38
CA PHE A 174 -12.31 -22.07 4.85
C PHE A 174 -11.81 -22.94 3.72
N ASN A 175 -10.49 -23.18 3.73
CA ASN A 175 -9.78 -23.91 2.67
C ASN A 175 -8.69 -24.70 3.37
N ILE A 176 -9.02 -25.93 3.78
CA ILE A 176 -8.17 -26.69 4.68
C ILE A 176 -7.94 -28.10 4.13
N GLY A 177 -8.13 -28.27 2.82
CA GLY A 177 -7.96 -29.56 2.19
C GLY A 177 -9.27 -30.34 2.10
N SER A 178 -9.15 -31.56 1.58
CA SER A 178 -10.30 -32.45 1.51
C SER A 178 -10.79 -32.78 2.91
N MET A 179 -12.06 -33.16 3.01
CA MET A 179 -12.68 -33.43 4.30
C MET A 179 -13.58 -34.66 4.19
N GLU A 180 -13.42 -35.58 5.14
CA GLU A 180 -14.30 -36.73 5.25
C GLU A 180 -15.42 -36.41 6.24
N GLN A 181 -16.33 -37.38 6.42
CA GLN A 181 -17.54 -37.12 7.19
C GLN A 181 -17.21 -36.79 8.65
N ASP A 182 -16.32 -37.56 9.27
CA ASP A 182 -16.02 -37.34 10.68
C ASP A 182 -15.23 -36.05 10.90
N GLU A 183 -14.48 -35.61 9.89
CA GLU A 183 -13.77 -34.33 10.00
C GLU A 183 -14.74 -33.16 9.88
N ILE A 184 -15.76 -33.29 9.02
CA ILE A 184 -16.80 -32.27 8.95
C ILE A 184 -17.58 -32.20 10.25
N ASP A 185 -17.78 -33.34 10.92
CA ASP A 185 -18.48 -33.33 12.21
C ASP A 185 -17.72 -32.48 13.23
N VAL A 186 -16.40 -32.62 13.28
CA VAL A 186 -15.62 -31.88 14.26
C VAL A 186 -15.69 -30.38 13.99
N LEU A 187 -15.49 -29.99 12.73
CA LEU A 187 -15.64 -28.58 12.36
C LEU A 187 -17.07 -28.11 12.58
N GLY A 188 -18.05 -28.93 12.22
CA GLY A 188 -19.45 -28.53 12.28
C GLY A 188 -19.96 -28.26 13.67
N GLU A 189 -19.33 -28.82 14.70
CA GLU A 189 -19.76 -28.59 16.07
C GLU A 189 -19.53 -27.15 16.52
N TRP A 190 -18.79 -26.36 15.74
CA TRP A 190 -18.53 -24.96 16.05
C TRP A 190 -19.51 -24.00 15.39
N ILE A 191 -20.36 -24.47 14.48
CA ILE A 191 -21.21 -23.60 13.69
C ILE A 191 -22.61 -24.20 13.59
N GLY A 192 -23.52 -23.43 13.00
CA GLY A 192 -24.86 -23.89 12.73
C GLY A 192 -25.07 -24.13 11.26
N ARG A 193 -26.09 -24.91 10.91
CA ARG A 193 -26.28 -25.29 9.51
C ARG A 193 -26.63 -24.10 8.62
N GLU A 194 -27.03 -22.98 9.20
CA GLU A 194 -27.37 -21.79 8.42
C GLU A 194 -26.38 -20.66 8.60
N ASP A 195 -25.22 -20.92 9.22
CA ASP A 195 -24.20 -19.90 9.34
C ASP A 195 -23.56 -19.61 7.98
N PRO A 196 -23.12 -18.37 7.77
CA PRO A 196 -22.51 -18.00 6.47
C PRO A 196 -21.07 -18.49 6.36
N VAL A 197 -20.93 -19.80 6.13
CA VAL A 197 -19.63 -20.45 6.09
C VAL A 197 -19.52 -21.22 4.78
N THR A 198 -18.44 -20.96 4.03
CA THR A 198 -18.24 -21.53 2.71
C THR A 198 -17.06 -22.49 2.71
N MET A 199 -17.30 -23.72 2.25
CA MET A 199 -16.21 -24.69 2.09
C MET A 199 -15.52 -24.49 0.75
N CYS A 200 -14.20 -24.31 0.80
CA CYS A 200 -13.38 -24.18 -0.40
C CYS A 200 -12.54 -25.43 -0.57
N VAL A 201 -12.73 -26.11 -1.70
CA VAL A 201 -11.92 -27.27 -2.09
C VAL A 201 -11.69 -27.19 -3.60
N PHE A 202 -10.62 -26.50 -4.02
CA PHE A 202 -10.33 -26.35 -5.43
C PHE A 202 -9.75 -27.66 -5.96
N GLN A 203 -10.40 -28.24 -6.97
CA GLN A 203 -9.88 -29.47 -7.54
C GLN A 203 -8.55 -29.26 -8.25
N GLU A 204 -8.17 -28.00 -8.50
CA GLU A 204 -6.95 -27.59 -9.19
C GLU A 204 -7.01 -28.02 -10.66
N SER A 205 -7.06 -29.32 -10.92
CA SER A 205 -7.31 -29.82 -12.26
C SER A 205 -8.32 -30.95 -12.16
N TYR A 206 -9.28 -30.95 -13.08
CA TYR A 206 -10.24 -32.05 -13.16
C TYR A 206 -9.76 -33.17 -14.06
N ASP A 207 -8.58 -33.03 -14.68
CA ASP A 207 -7.98 -34.08 -15.47
C ASP A 207 -7.10 -34.93 -14.56
N ARG A 208 -7.41 -36.23 -14.47
CA ARG A 208 -6.73 -37.08 -13.50
C ARG A 208 -5.23 -37.19 -13.79
N GLU A 209 -4.83 -37.14 -15.06
CA GLU A 209 -3.42 -37.29 -15.39
CA GLU A 209 -3.41 -37.29 -15.41
C GLU A 209 -2.62 -36.06 -15.00
N THR A 210 -3.13 -34.86 -15.31
CA THR A 210 -2.48 -33.63 -14.86
C THR A 210 -2.53 -33.51 -13.34
N TYR A 211 -3.67 -33.88 -12.74
CA TYR A 211 -3.79 -33.85 -11.28
C TYR A 211 -2.72 -34.72 -10.62
N ARG A 212 -2.59 -35.97 -11.08
CA ARG A 212 -1.58 -36.86 -10.52
C ARG A 212 -0.18 -36.31 -10.74
N ARG A 213 0.05 -35.66 -11.88
CA ARG A 213 1.39 -35.15 -12.18
C ARG A 213 1.81 -34.08 -11.18
N PHE A 214 0.87 -33.25 -10.72
CA PHE A 214 1.19 -32.16 -9.81
C PHE A 214 0.95 -32.49 -8.34
N MET A 215 -0.10 -33.25 -8.04
CA MET A 215 -0.44 -33.57 -6.66
C MET A 215 0.19 -34.87 -6.16
N GLY A 216 0.75 -35.68 -7.05
CA GLY A 216 1.46 -36.88 -6.65
C GLY A 216 0.61 -38.14 -6.77
N LYS A 217 1.24 -39.25 -6.43
CA LYS A 217 0.63 -40.57 -6.53
C LYS A 217 0.00 -40.99 -5.21
N THR A 218 -1.08 -41.75 -5.31
CA THR A 218 -1.85 -42.15 -4.14
C THR A 218 -1.15 -43.26 -3.37
N SER A 219 -1.68 -43.54 -2.17
CA SER A 219 -1.23 -44.65 -1.32
C SER A 219 0.24 -44.51 -0.94
N VAL A 220 0.67 -43.28 -0.63
CA VAL A 220 2.07 -43.02 -0.34
C VAL A 220 2.19 -41.98 0.77
N GLY A 221 1.09 -41.75 1.49
CA GLY A 221 1.08 -40.73 2.52
C GLY A 221 0.94 -39.31 2.02
N VAL A 222 0.55 -39.12 0.76
CA VAL A 222 0.30 -37.78 0.20
C VAL A 222 -1.22 -37.59 0.16
N PRO A 223 -1.79 -36.86 1.12
CA PRO A 223 -3.26 -36.86 1.25
C PRO A 223 -4.00 -36.26 0.06
N LYS A 224 -3.47 -35.20 -0.55
CA LYS A 224 -4.15 -34.57 -1.67
C LYS A 224 -4.05 -35.37 -2.96
N ALA A 225 -3.22 -36.42 -2.99
CA ALA A 225 -3.12 -37.24 -4.19
C ALA A 225 -4.40 -38.02 -4.48
N ASP A 226 -5.23 -38.24 -3.47
CA ASP A 226 -6.51 -38.92 -3.64
C ASP A 226 -7.47 -37.96 -4.34
N PHE A 227 -7.56 -38.09 -5.67
CA PHE A 227 -8.43 -37.24 -6.48
C PHE A 227 -9.87 -37.35 -6.03
N ASP A 228 -10.33 -38.55 -5.68
CA ASP A 228 -11.75 -38.79 -5.47
C ASP A 228 -12.23 -38.29 -4.12
N ARG A 229 -11.43 -38.50 -3.06
CA ARG A 229 -11.79 -37.94 -1.76
C ARG A 229 -11.95 -36.43 -1.85
N ARG A 230 -11.08 -35.77 -2.62
CA ARG A 230 -11.12 -34.32 -2.72
C ARG A 230 -12.37 -33.84 -3.43
N VAL A 231 -12.70 -34.46 -4.58
CA VAL A 231 -13.76 -33.91 -5.44
C VAL A 231 -15.15 -34.14 -4.86
N VAL A 232 -15.32 -35.11 -3.97
CA VAL A 232 -16.63 -35.36 -3.36
C VAL A 232 -16.77 -34.68 -2.00
N SER A 233 -15.80 -33.84 -1.62
CA SER A 233 -15.87 -33.16 -0.33
C SER A 233 -17.11 -32.27 -0.25
N PHE A 234 -17.46 -31.59 -1.34
CA PHE A 234 -18.66 -30.76 -1.34
C PHE A 234 -19.91 -31.59 -1.10
N ASP A 235 -19.93 -32.82 -1.62
CA ASP A 235 -21.10 -33.68 -1.43
C ASP A 235 -21.21 -34.14 0.02
N ARG A 236 -20.09 -34.35 0.70
CA ARG A 236 -20.15 -34.65 2.13
C ARG A 236 -20.60 -33.42 2.91
N TRP A 237 -20.14 -32.24 2.50
CA TRP A 237 -20.56 -30.99 3.13
C TRP A 237 -22.06 -30.81 2.98
N LEU A 238 -22.59 -31.03 1.78
CA LEU A 238 -24.03 -30.88 1.56
C LEU A 238 -24.81 -31.99 2.26
N ASP A 239 -24.25 -33.21 2.34
CA ASP A 239 -24.91 -34.28 3.07
C ASP A 239 -25.14 -33.89 4.52
N ALA A 240 -24.17 -33.21 5.13
CA ALA A 240 -24.29 -32.78 6.52
C ALA A 240 -25.28 -31.65 6.70
N GLY A 241 -25.84 -31.11 5.63
CA GLY A 241 -26.86 -30.09 5.72
C GLY A 241 -26.40 -28.67 5.53
N TYR A 242 -25.18 -28.45 5.05
CA TYR A 242 -24.69 -27.10 4.83
C TYR A 242 -25.05 -26.64 3.41
N ARG A 243 -24.58 -25.46 3.03
CA ARG A 243 -25.14 -24.79 1.86
C ARG A 243 -24.10 -24.20 0.92
N TYR A 244 -23.10 -23.51 1.45
CA TYR A 244 -22.17 -22.70 0.65
C TYR A 244 -20.91 -23.49 0.32
N VAL A 245 -20.53 -23.49 -0.96
CA VAL A 245 -19.37 -24.24 -1.43
C VAL A 245 -18.60 -23.39 -2.45
N ASN A 246 -17.37 -23.82 -2.73
CA ASN A 246 -16.51 -23.05 -3.62
C ASN A 246 -15.53 -23.95 -4.38
N PRO A 247 -15.96 -24.58 -5.47
CA PRO A 247 -14.99 -25.30 -6.32
C PRO A 247 -14.05 -24.34 -7.04
N GLY A 248 -12.96 -24.90 -7.56
CA GLY A 248 -11.96 -24.08 -8.21
C GLY A 248 -11.06 -24.88 -9.13
N VAL A 249 -10.53 -24.18 -10.14
CA VAL A 249 -9.55 -24.73 -11.07
C VAL A 249 -8.31 -23.85 -11.01
N LEU A 250 -7.13 -24.47 -10.92
CA LEU A 250 -5.87 -23.73 -10.91
C LEU A 250 -5.41 -23.55 -12.35
N VAL A 251 -5.66 -22.36 -12.91
CA VAL A 251 -5.38 -22.10 -14.32
C VAL A 251 -3.87 -22.09 -14.52
N GLY A 252 -3.39 -22.95 -15.42
CA GLY A 252 -1.97 -23.10 -15.68
C GLY A 252 -1.43 -24.49 -15.44
N LEU A 253 -2.19 -25.38 -14.78
CA LEU A 253 -1.76 -26.77 -14.66
C LEU A 253 -2.04 -27.54 -15.95
N HIS A 254 -3.31 -27.69 -16.31
CA HIS A 254 -3.71 -28.44 -17.48
C HIS A 254 -3.65 -27.53 -18.70
N ASP A 255 -3.06 -28.04 -19.79
CA ASP A 255 -2.89 -27.23 -21.00
C ASP A 255 -4.22 -26.93 -21.68
N ASP A 256 -5.15 -27.88 -21.65
CA ASP A 256 -6.42 -27.76 -22.37
C ASP A 256 -7.42 -27.05 -21.47
N LEU A 257 -7.52 -25.73 -21.62
CA LEU A 257 -8.44 -24.95 -20.81
C LEU A 257 -9.90 -25.30 -21.10
N SER A 258 -10.20 -25.72 -22.33
CA SER A 258 -11.57 -26.09 -22.66
C SER A 258 -12.03 -27.28 -21.83
N ALA A 259 -11.13 -28.22 -21.52
CA ALA A 259 -11.51 -29.36 -20.70
C ALA A 259 -11.84 -28.95 -19.28
N GLU A 260 -11.07 -28.00 -18.72
CA GLU A 260 -11.28 -27.58 -17.34
C GLU A 260 -12.57 -26.78 -17.19
N LEU A 261 -12.89 -25.94 -18.17
CA LEU A 261 -14.12 -25.15 -18.07
C LEU A 261 -15.35 -26.04 -18.17
N VAL A 262 -15.29 -27.09 -19.00
CA VAL A 262 -16.38 -28.05 -19.07
C VAL A 262 -16.60 -28.70 -17.70
N SER A 263 -15.51 -29.16 -17.08
CA SER A 263 -15.63 -29.88 -15.82
C SER A 263 -16.05 -28.95 -14.68
N LEU A 264 -15.47 -27.76 -14.60
CA LEU A 264 -15.82 -26.83 -13.54
C LEU A 264 -17.27 -26.39 -13.66
N VAL A 265 -17.73 -26.06 -14.87
CA VAL A 265 -19.13 -25.71 -15.07
C VAL A 265 -20.02 -26.90 -14.74
N ALA A 266 -19.60 -28.11 -15.13
CA ALA A 266 -20.36 -29.31 -14.76
C ALA A 266 -20.41 -29.49 -13.25
N HIS A 267 -19.31 -29.22 -12.56
CA HIS A 267 -19.32 -29.35 -11.11
C HIS A 267 -20.25 -28.31 -10.49
N GLY A 268 -20.16 -27.05 -10.93
CA GLY A 268 -21.06 -26.04 -10.43
C GLY A 268 -22.52 -26.37 -10.69
N ASP A 269 -22.80 -26.96 -11.86
CA ASP A 269 -24.17 -27.33 -12.20
C ASP A 269 -24.68 -28.46 -11.32
N HIS A 270 -23.81 -29.43 -11.01
CA HIS A 270 -24.19 -30.48 -10.07
C HIS A 270 -24.49 -29.92 -8.69
N LEU A 271 -23.63 -29.02 -8.20
CA LEU A 271 -23.85 -28.42 -6.88
C LEU A 271 -25.13 -27.60 -6.85
N ARG A 272 -25.42 -26.89 -7.94
CA ARG A 272 -26.67 -26.12 -8.02
C ARG A 272 -27.88 -27.04 -7.97
N SER A 273 -27.80 -28.20 -8.61
CA SER A 273 -28.92 -29.14 -8.61
C SER A 273 -29.19 -29.68 -7.21
N ARG A 274 -28.18 -29.70 -6.34
CA ARG A 274 -28.35 -30.12 -4.96
C ARG A 274 -28.81 -28.97 -4.06
N GLY A 275 -29.13 -27.81 -4.62
CA GLY A 275 -29.58 -26.69 -3.83
C GLY A 275 -28.48 -25.89 -3.16
N ALA A 276 -27.23 -26.06 -3.59
CA ALA A 276 -26.11 -25.37 -2.98
C ALA A 276 -25.93 -23.98 -3.58
N THR A 277 -25.37 -23.08 -2.78
CA THR A 277 -24.88 -21.80 -3.25
C THR A 277 -23.38 -21.92 -3.46
N ALA A 278 -22.92 -21.71 -4.68
CA ALA A 278 -21.54 -21.99 -5.06
C ALA A 278 -20.87 -20.73 -5.59
N ASP A 279 -19.65 -20.49 -5.11
CA ASP A 279 -18.71 -19.57 -5.76
C ASP A 279 -17.77 -20.39 -6.63
N LEU A 280 -17.24 -19.77 -7.67
CA LEU A 280 -16.34 -20.42 -8.61
C LEU A 280 -15.03 -19.66 -8.66
N SER A 281 -13.92 -20.36 -8.45
CA SER A 281 -12.60 -19.76 -8.42
C SER A 281 -11.76 -20.31 -9.56
N VAL A 282 -11.15 -19.41 -10.34
CA VAL A 282 -10.17 -19.82 -11.33
C VAL A 282 -8.87 -19.06 -11.08
N PRO A 283 -8.19 -19.31 -9.96
CA PRO A 283 -6.94 -18.59 -9.70
C PRO A 283 -5.88 -18.93 -10.74
N ARG A 284 -5.08 -17.94 -11.10
CA ARG A 284 -4.00 -18.11 -12.06
C ARG A 284 -2.68 -18.26 -11.31
N MET A 285 -1.77 -19.03 -11.91
CA MET A 285 -0.53 -19.40 -11.25
C MET A 285 0.30 -18.17 -10.88
N ARG A 286 0.99 -18.26 -9.76
CA ARG A 286 1.87 -17.22 -9.25
C ARG A 286 3.22 -17.84 -8.89
N PRO A 287 4.28 -17.02 -8.83
CA PRO A 287 5.61 -17.57 -8.51
C PRO A 287 5.64 -18.24 -7.15
N ALA A 288 6.37 -19.35 -7.07
CA ALA A 288 6.46 -20.13 -5.85
C ALA A 288 7.72 -20.99 -5.91
N MET A 289 8.05 -21.62 -4.78
CA MET A 289 9.17 -22.56 -4.71
C MET A 289 8.72 -23.91 -5.28
N LYS A 290 8.53 -23.91 -6.60
CA LYS A 290 7.96 -25.06 -7.28
C LYS A 290 8.99 -26.16 -7.47
N SER A 291 8.50 -27.36 -7.76
CA SER A 291 9.33 -28.48 -8.20
C SER A 291 8.92 -28.97 -9.58
N ARG A 292 8.03 -28.25 -10.26
CA ARG A 292 7.64 -28.58 -11.63
C ARG A 292 7.14 -27.32 -12.30
N ASP A 293 7.50 -27.15 -13.57
CA ASP A 293 7.06 -25.98 -14.33
C ASP A 293 5.55 -26.02 -14.53
N THR A 294 4.97 -24.83 -14.74
CA THR A 294 3.56 -24.67 -15.01
C THR A 294 3.37 -23.90 -16.31
N THR A 295 2.13 -23.82 -16.77
CA THR A 295 1.80 -23.18 -18.03
C THR A 295 1.38 -21.74 -17.78
N ARG A 296 1.95 -20.82 -18.55
CA ARG A 296 1.56 -19.41 -18.49
C ARG A 296 0.36 -19.20 -19.41
N VAL A 297 -0.75 -18.77 -18.82
CA VAL A 297 -1.99 -18.52 -19.57
C VAL A 297 -2.11 -17.02 -19.79
N GLY A 298 -2.24 -16.63 -21.06
CA GLY A 298 -2.34 -15.22 -21.39
C GLY A 298 -3.63 -14.60 -20.90
N ASP A 299 -3.64 -13.26 -20.88
CA ASP A 299 -4.80 -12.54 -20.37
C ASP A 299 -6.04 -12.77 -21.23
N ASP A 300 -5.86 -12.94 -22.54
CA ASP A 300 -7.02 -13.11 -23.42
C ASP A 300 -7.69 -14.45 -23.19
N ASP A 301 -6.92 -15.53 -23.13
CA ASP A 301 -7.48 -16.83 -22.77
C ASP A 301 -8.14 -16.77 -21.39
N TYR A 302 -7.48 -16.11 -20.43
CA TYR A 302 -8.00 -16.09 -19.08
C TYR A 302 -9.29 -15.28 -18.99
N LEU A 303 -9.34 -14.13 -19.65
CA LEU A 303 -10.58 -13.34 -19.67
C LEU A 303 -11.70 -14.10 -20.38
N ARG A 304 -11.36 -14.80 -21.47
CA ARG A 304 -12.36 -15.61 -22.16
C ARG A 304 -12.86 -16.74 -21.27
N LEU A 305 -11.96 -17.35 -20.50
CA LEU A 305 -12.38 -18.39 -19.56
C LEU A 305 -13.34 -17.83 -18.52
N MET A 306 -12.95 -16.74 -17.86
CA MET A 306 -13.84 -16.11 -16.87
C MET A 306 -15.17 -15.72 -17.49
N SER A 307 -15.15 -15.14 -18.69
CA SER A 307 -16.38 -14.69 -19.33
C SER A 307 -17.32 -15.86 -19.60
N VAL A 308 -16.79 -16.97 -20.10
CA VAL A 308 -17.62 -18.12 -20.45
C VAL A 308 -18.20 -18.75 -19.18
N VAL A 309 -17.42 -18.80 -18.10
CA VAL A 309 -17.91 -19.37 -16.85
C VAL A 309 -18.94 -18.44 -16.22
N ALA A 310 -18.65 -17.13 -16.18
CA ALA A 310 -19.59 -16.19 -15.58
C ALA A 310 -20.90 -16.13 -16.34
N PHE A 311 -20.84 -16.25 -17.67
CA PHE A 311 -22.05 -16.16 -18.47
C PHE A 311 -22.94 -17.38 -18.28
N THR A 312 -22.36 -18.58 -18.35
CA THR A 312 -23.14 -19.80 -18.24
C THR A 312 -23.59 -20.09 -16.82
N CYS A 313 -22.90 -19.57 -15.81
CA CYS A 313 -23.24 -19.77 -14.40
C CYS A 313 -23.50 -18.43 -13.75
N PRO A 314 -24.58 -17.74 -14.15
CA PRO A 314 -24.74 -16.33 -13.74
C PRO A 314 -25.06 -16.13 -12.27
N GLU A 315 -25.52 -17.16 -11.57
CA GLU A 315 -25.81 -17.06 -10.14
C GLU A 315 -24.65 -17.55 -9.28
N GLN A 316 -23.54 -17.95 -9.88
CA GLN A 316 -22.38 -18.46 -9.15
C GLN A 316 -21.22 -17.49 -9.33
N ARG A 317 -20.87 -16.77 -8.26
CA ARG A 317 -19.92 -15.67 -8.35
C ARG A 317 -18.51 -16.17 -8.61
N LEU A 318 -17.82 -15.53 -9.56
CA LEU A 318 -16.39 -15.76 -9.72
C LEU A 318 -15.63 -14.99 -8.64
N VAL A 319 -14.56 -15.62 -8.13
CA VAL A 319 -13.72 -15.03 -7.09
C VAL A 319 -12.45 -14.50 -7.75
N LEU A 320 -12.18 -13.21 -7.56
CA LEU A 320 -10.98 -12.56 -8.09
C LEU A 320 -10.11 -12.13 -6.92
N THR A 321 -8.82 -12.45 -6.98
CA THR A 321 -7.92 -12.26 -5.86
C THR A 321 -6.71 -11.41 -6.27
N THR A 322 -5.95 -10.98 -5.26
CA THR A 322 -4.75 -10.21 -5.49
C THR A 322 -3.58 -11.04 -5.99
N ARG A 323 -3.81 -12.31 -6.36
CA ARG A 323 -2.87 -12.99 -7.25
C ARG A 323 -2.65 -12.17 -8.51
N GLU A 324 -3.70 -11.50 -8.99
CA GLU A 324 -3.68 -10.70 -10.20
C GLU A 324 -3.21 -9.28 -9.90
N PRO A 325 -2.43 -8.69 -10.80
CA PRO A 325 -1.98 -7.31 -10.59
C PRO A 325 -3.14 -6.32 -10.72
N GLN A 326 -2.88 -5.11 -10.23
CA GLN A 326 -3.89 -4.05 -10.23
C GLN A 326 -4.43 -3.80 -11.63
N GLU A 327 -3.55 -3.77 -12.63
CA GLU A 327 -3.99 -3.48 -13.99
CA GLU A 327 -3.99 -3.48 -13.99
C GLU A 327 -4.94 -4.55 -14.51
N PHE A 328 -4.76 -5.81 -14.10
CA PHE A 328 -5.68 -6.84 -14.57
C PHE A 328 -7.01 -6.80 -13.81
N GLN A 329 -6.96 -6.52 -12.51
CA GLN A 329 -8.20 -6.37 -11.74
C GLN A 329 -9.09 -5.30 -12.35
N ASP A 330 -8.50 -4.19 -12.82
CA ASP A 330 -9.29 -3.14 -13.47
C ASP A 330 -10.08 -3.67 -14.65
N VAL A 331 -9.54 -4.65 -15.37
CA VAL A 331 -10.17 -5.17 -16.58
C VAL A 331 -11.19 -6.25 -16.27
N ALA A 332 -10.91 -7.11 -15.28
CA ALA A 332 -11.71 -8.31 -15.05
C ALA A 332 -12.71 -8.19 -13.91
N LEU A 333 -12.71 -7.08 -13.16
CA LEU A 333 -13.54 -7.00 -11.96
C LEU A 333 -15.03 -7.12 -12.30
N GLY A 334 -15.44 -6.65 -13.48
CA GLY A 334 -16.83 -6.73 -13.87
C GLY A 334 -17.34 -8.15 -14.07
N LEU A 335 -16.43 -9.12 -14.20
CA LEU A 335 -16.78 -10.52 -14.32
C LEU A 335 -16.90 -11.22 -12.96
N ALA A 336 -16.51 -10.56 -11.87
CA ALA A 336 -16.42 -11.19 -10.57
C ALA A 336 -17.62 -10.86 -9.70
N GLY A 337 -17.89 -11.73 -8.74
CA GLY A 337 -18.89 -11.49 -7.73
C GLY A 337 -18.29 -11.45 -6.34
N VAL A 338 -17.02 -11.85 -6.23
CA VAL A 338 -16.28 -11.82 -4.97
C VAL A 338 -14.89 -11.27 -5.27
N ILE A 339 -14.44 -10.31 -4.46
CA ILE A 339 -13.08 -9.77 -4.54
C ILE A 339 -12.37 -10.11 -3.24
N SER A 340 -11.18 -10.70 -3.36
CA SER A 340 -10.46 -11.21 -2.19
C SER A 340 -9.03 -10.69 -2.19
N PRO A 341 -8.77 -9.59 -1.51
CA PRO A 341 -7.40 -9.09 -1.38
C PRO A 341 -6.73 -9.62 -0.11
N GLY A 342 -5.42 -9.79 -0.20
CA GLY A 342 -4.66 -10.26 0.94
C GLY A 342 -3.39 -10.94 0.50
N SER A 343 -2.75 -11.59 1.47
CA SER A 343 -1.43 -12.19 1.27
C SER A 343 -1.42 -13.64 1.77
N PRO A 344 -0.82 -14.56 1.00
CA PRO A 344 -0.76 -15.97 1.40
C PRO A 344 0.43 -16.29 2.31
N ASP A 345 0.63 -15.45 3.33
CA ASP A 345 1.67 -15.62 4.33
C ASP A 345 0.98 -15.82 5.68
N VAL A 346 1.69 -16.47 6.60
CA VAL A 346 1.09 -16.79 7.90
C VAL A 346 1.02 -15.52 8.75
N ALA A 347 -0.18 -15.20 9.23
CA ALA A 347 -0.45 -14.04 10.08
C ALA A 347 0.30 -12.79 9.58
N PRO A 348 0.02 -12.32 8.36
CA PRO A 348 0.86 -11.31 7.74
C PRO A 348 0.44 -9.87 8.00
N TYR A 349 -0.70 -9.65 8.63
CA TYR A 349 -1.29 -8.32 8.72
C TYR A 349 -0.82 -7.59 9.97
N ARG A 350 -0.71 -6.27 9.85
CA ARG A 350 -0.27 -5.42 10.94
C ARG A 350 -0.93 -4.06 10.75
N ALA A 351 -1.39 -3.47 11.85
CA ALA A 351 -2.11 -2.21 11.77
C ALA A 351 -1.26 -1.14 11.10
N GLY A 352 -1.80 -0.52 10.06
CA GLY A 352 -1.12 0.58 9.41
C GLY A 352 0.04 0.20 8.52
N CYS A 353 0.30 -1.09 8.32
CA CYS A 353 1.38 -1.56 7.47
C CYS A 353 0.82 -2.43 6.36
N GLU A 354 1.53 -2.50 5.24
CA GLU A 354 1.13 -3.45 4.21
C GLU A 354 1.46 -4.87 4.67
N ALA A 355 0.65 -5.82 4.22
CA ALA A 355 0.79 -7.19 4.67
C ALA A 355 2.11 -7.79 4.22
N ARG A 356 2.68 -8.64 5.08
CA ARG A 356 3.90 -9.34 4.72
C ARG A 356 3.62 -10.40 3.66
N ASN A 357 4.59 -10.61 2.78
CA ASN A 357 4.54 -11.66 1.78
C ASN A 357 5.96 -12.23 1.65
N ASP A 358 6.49 -12.69 2.77
CA ASP A 358 7.88 -13.14 2.83
C ASP A 358 8.04 -14.43 2.03
N GLU A 359 9.01 -14.45 1.13
CA GLU A 359 9.29 -15.65 0.34
C GLU A 359 9.65 -16.84 1.22
N LYS A 360 10.22 -16.57 2.40
CA LYS A 360 10.65 -17.66 3.28
C LYS A 360 9.49 -18.40 3.93
N SER A 361 8.28 -17.84 3.93
CA SER A 361 7.17 -18.48 4.62
C SER A 361 5.84 -18.43 3.87
N SER A 362 5.78 -17.82 2.68
CA SER A 362 4.53 -17.70 1.94
C SER A 362 4.31 -18.89 1.03
N GLN A 363 3.03 -19.15 0.73
CA GLN A 363 2.69 -20.18 -0.23
C GLN A 363 3.08 -19.77 -1.64
N PHE A 364 2.94 -18.49 -1.96
CA PHE A 364 3.37 -17.94 -3.26
C PHE A 364 3.45 -16.43 -3.12
N LEU A 365 3.84 -15.77 -4.20
CA LEU A 365 4.00 -14.31 -4.22
C LEU A 365 2.83 -13.69 -4.96
N VAL A 366 2.05 -12.87 -4.25
CA VAL A 366 0.95 -12.16 -4.88
C VAL A 366 1.48 -11.01 -5.72
N ALA A 367 0.63 -10.49 -6.60
CA ALA A 367 1.01 -9.39 -7.46
C ALA A 367 0.60 -8.03 -6.91
N ASP A 368 -0.39 -8.00 -6.01
CA ASP A 368 -0.91 -6.75 -5.47
C ASP A 368 -0.85 -6.82 -3.96
N LEU A 369 0.06 -6.05 -3.36
CA LEU A 369 0.25 -6.06 -1.91
C LEU A 369 -0.38 -4.86 -1.22
N ARG A 370 -1.11 -4.00 -1.93
CA ARG A 370 -1.80 -2.89 -1.29
C ARG A 370 -2.79 -3.40 -0.26
N ARG A 371 -2.95 -2.64 0.82
CA ARG A 371 -3.79 -3.10 1.91
C ARG A 371 -5.24 -3.19 1.45
N PRO A 372 -6.01 -4.17 1.97
CA PRO A 372 -7.37 -4.40 1.48
C PRO A 372 -8.27 -3.17 1.51
N ARG A 373 -8.15 -2.32 2.54
CA ARG A 373 -9.07 -1.19 2.61
C ARG A 373 -8.79 -0.15 1.53
N HIS A 374 -7.56 -0.13 0.99
CA HIS A 374 -7.28 0.76 -0.14
C HIS A 374 -7.82 0.18 -1.44
N ILE A 375 -7.57 -1.12 -1.68
CA ILE A 375 -8.10 -1.77 -2.87
C ILE A 375 -9.62 -1.68 -2.91
N LEU A 376 -10.26 -2.03 -1.79
CA LEU A 376 -11.72 -2.03 -1.74
C LEU A 376 -12.28 -0.61 -1.76
N GLY A 377 -11.57 0.34 -1.14
CA GLY A 377 -12.04 1.72 -1.16
C GLY A 377 -11.95 2.34 -2.54
N ARG A 378 -10.90 1.99 -3.29
CA ARG A 378 -10.78 2.48 -4.67
C ARG A 378 -11.86 1.88 -5.55
N ILE A 379 -12.19 0.60 -5.35
CA ILE A 379 -13.31 -0.01 -6.05
C ILE A 379 -14.60 0.75 -5.78
N GLU A 380 -14.90 0.99 -4.50
CA GLU A 380 -16.10 1.74 -4.15
C GLU A 380 -16.06 3.16 -4.72
N ALA A 381 -14.90 3.80 -4.66
CA ALA A 381 -14.78 5.14 -5.23
C ALA A 381 -15.03 5.13 -6.73
N SER A 382 -14.73 4.02 -7.40
N SER A 382 -14.73 4.02 -7.40
CA SER A 382 -14.98 3.90 -8.83
CA SER A 382 -14.98 3.89 -8.83
C SER A 382 -16.45 3.66 -9.16
C SER A 382 -16.44 3.62 -9.16
N GLY A 383 -17.28 3.40 -8.16
CA GLY A 383 -18.70 3.23 -8.37
C GLY A 383 -19.27 1.84 -8.18
N THR A 384 -18.55 0.94 -7.52
CA THR A 384 -19.08 -0.39 -7.21
C THR A 384 -19.04 -0.60 -5.70
N PRO A 385 -20.17 -0.64 -5.01
CA PRO A 385 -20.15 -0.95 -3.58
C PRO A 385 -19.64 -2.36 -3.35
N VAL A 386 -18.95 -2.56 -2.23
CA VAL A 386 -18.42 -3.85 -1.84
C VAL A 386 -19.08 -4.25 -0.52
N ASP A 387 -19.96 -5.25 -0.57
CA ASP A 387 -20.58 -5.76 0.64
C ASP A 387 -19.53 -6.40 1.55
N HIS A 388 -19.81 -6.36 2.85
CA HIS A 388 -18.89 -6.87 3.88
C HIS A 388 -17.58 -6.07 3.90
N PHE A 389 -17.64 -4.82 3.46
CA PHE A 389 -16.54 -3.88 3.60
C PHE A 389 -17.11 -2.59 4.20
N VAL A 390 -16.57 -2.19 5.35
CA VAL A 390 -16.97 -0.97 6.04
C VAL A 390 -15.75 -0.06 6.06
N ASN A 391 -15.70 0.87 5.12
CA ASN A 391 -14.56 1.77 4.99
C ASN A 391 -14.33 2.53 6.30
N PRO A 392 -13.16 2.38 6.94
CA PRO A 392 -12.98 2.99 8.27
C PRO A 392 -12.74 4.49 8.21
N ALA A 393 -13.51 5.20 7.38
CA ALA A 393 -13.31 6.62 7.14
C ALA A 393 -14.42 7.44 7.79
N GLY A 394 -14.07 8.67 8.15
CA GLY A 394 -15.08 9.61 8.65
C GLY A 394 -15.59 9.20 10.01
N GLU A 395 -16.91 9.21 10.17
CA GLU A 395 -17.56 8.88 11.44
C GLU A 395 -17.48 7.39 11.77
N ALA A 396 -16.94 6.57 10.87
CA ALA A 396 -16.68 5.16 11.14
C ALA A 396 -15.23 4.88 11.50
N SER A 397 -14.47 5.93 11.84
CA SER A 397 -13.07 5.78 12.20
C SER A 397 -12.85 5.93 13.69
N ARG A 398 -11.97 5.09 14.25
CA ARG A 398 -11.67 5.13 15.67
N MET B 13 -9.52 8.68 9.40
CA MET B 13 -9.63 7.23 9.31
C MET B 13 -8.92 6.54 10.47
N THR B 14 -9.39 5.34 10.81
CA THR B 14 -8.73 4.55 11.84
C THR B 14 -7.27 4.33 11.47
N GLY B 15 -6.39 4.53 12.44
CA GLY B 15 -4.98 4.35 12.25
C GLY B 15 -4.22 5.58 11.79
N ASP B 16 -4.91 6.68 11.50
CA ASP B 16 -4.24 7.90 11.10
C ASP B 16 -3.50 8.53 12.27
N PHE B 17 -2.61 9.46 11.94
CA PHE B 17 -1.88 10.20 12.96
C PHE B 17 -2.83 10.99 13.85
N VAL B 18 -2.60 10.93 15.15
CA VAL B 18 -3.36 11.70 16.14
C VAL B 18 -2.38 12.60 16.88
N LEU B 19 -2.70 13.88 16.95
CA LEU B 19 -1.83 14.82 17.66
C LEU B 19 -1.80 14.46 19.15
N PRO B 20 -0.63 14.46 19.77
CA PRO B 20 -0.56 14.15 21.20
C PRO B 20 -1.10 15.31 22.03
N GLU B 21 -1.56 14.96 23.23
CA GLU B 21 -1.88 15.97 24.24
C GLU B 21 -0.58 16.38 24.92
N LEU B 22 -0.22 17.66 24.78
CA LEU B 22 1.06 18.12 25.31
C LEU B 22 1.15 17.92 26.81
N GLU B 23 0.04 18.12 27.53
CA GLU B 23 0.04 17.92 28.97
C GLU B 23 0.38 16.48 29.34
N ASP B 24 -0.10 15.52 28.55
CA ASP B 24 0.22 14.12 28.83
C ASP B 24 1.68 13.82 28.49
N VAL B 25 2.21 14.42 27.42
CA VAL B 25 3.61 14.23 27.08
C VAL B 25 4.51 14.84 28.15
N ARG B 26 4.09 15.99 28.71
CA ARG B 26 4.86 16.60 29.78
C ARG B 26 4.92 15.70 31.00
N ALA B 27 3.79 15.05 31.35
CA ALA B 27 3.78 14.14 32.49
C ALA B 27 4.74 12.97 32.27
N GLU B 28 4.73 12.40 31.06
CA GLU B 28 5.65 11.30 30.77
C GLU B 28 7.09 11.79 30.75
N ALA B 29 7.33 12.99 30.21
CA ALA B 29 8.69 13.52 30.12
C ALA B 29 9.30 13.74 31.50
N ALA B 30 8.47 14.03 32.51
CA ALA B 30 8.98 14.19 33.87
C ALA B 30 9.57 12.91 34.43
N THR B 31 9.21 11.75 33.87
CA THR B 31 9.72 10.47 34.35
C THR B 31 10.97 10.02 33.63
N VAL B 32 11.47 10.79 32.68
CA VAL B 32 12.61 10.40 31.85
C VAL B 32 13.91 10.73 32.58
N ASP B 33 14.82 9.77 32.62
CA ASP B 33 16.18 9.98 33.12
C ASP B 33 17.03 10.44 31.93
N THR B 34 17.14 11.76 31.78
CA THR B 34 17.78 12.31 30.59
C THR B 34 19.25 11.89 30.49
N ARG B 35 19.96 11.88 31.61
CA ARG B 35 21.36 11.46 31.58
CA ARG B 35 21.36 11.45 31.58
C ARG B 35 21.49 9.99 31.18
N ALA B 36 20.52 9.16 31.56
CA ALA B 36 20.55 7.77 31.14
C ALA B 36 20.20 7.63 29.66
N VAL B 37 19.32 8.51 29.15
CA VAL B 37 19.02 8.52 27.72
C VAL B 37 20.29 8.77 26.91
N LEU B 38 21.09 9.76 27.33
CA LEU B 38 22.30 10.09 26.61
C LEU B 38 23.34 8.98 26.66
N ALA B 39 23.21 8.05 27.60
CA ALA B 39 24.15 6.94 27.73
C ALA B 39 23.71 5.69 26.97
N LEU B 40 22.54 5.71 26.35
CA LEU B 40 22.06 4.54 25.62
C LEU B 40 22.97 4.26 24.44
N ALA B 41 23.22 2.97 24.17
CA ALA B 41 24.04 2.57 23.05
C ALA B 41 23.35 2.92 21.74
N GLU B 42 24.11 2.86 20.64
CA GLU B 42 23.57 3.17 19.33
C GLU B 42 22.50 2.14 18.97
N GLY B 43 21.31 2.64 18.60
CA GLY B 43 20.21 1.79 18.24
C GLY B 43 19.30 1.39 19.39
N GLU B 44 19.71 1.59 20.63
CA GLU B 44 18.89 1.25 21.78
C GLU B 44 17.81 2.31 21.99
N GLU B 45 16.56 1.87 22.08
CA GLU B 45 15.44 2.78 22.29
C GLU B 45 15.23 3.05 23.77
N PRO B 46 14.85 4.28 24.13
CA PRO B 46 14.52 4.57 25.53
C PRO B 46 13.25 3.84 25.95
N ALA B 47 13.00 3.87 27.25
CA ALA B 47 11.80 3.21 27.78
C ALA B 47 10.55 4.02 27.49
N GLU B 48 10.66 5.35 27.46
CA GLU B 48 9.50 6.20 27.25
C GLU B 48 9.33 6.52 25.77
N SER B 49 8.22 7.17 25.44
CA SER B 49 7.94 7.51 24.06
C SER B 49 8.94 8.54 23.56
N ARG B 50 9.17 8.54 22.24
CA ARG B 50 10.15 9.45 21.66
C ARG B 50 9.79 10.90 21.93
N ALA B 51 8.50 11.24 21.82
CA ALA B 51 8.07 12.61 22.06
C ALA B 51 8.38 13.03 23.49
N ALA B 52 8.16 12.13 24.46
CA ALA B 52 8.46 12.46 25.85
C ALA B 52 9.96 12.61 26.06
N VAL B 53 10.75 11.71 25.48
CA VAL B 53 12.21 11.81 25.60
C VAL B 53 12.71 13.10 24.98
N ALA B 54 12.17 13.46 23.82
CA ALA B 54 12.59 14.69 23.15
C ALA B 54 12.29 15.91 24.01
N LEU B 55 11.07 15.99 24.55
CA LEU B 55 10.72 17.11 25.41
C LEU B 55 11.60 17.15 26.65
N ALA B 56 11.91 16.00 27.23
CA ALA B 56 12.74 15.97 28.43
C ALA B 56 14.16 16.46 28.16
N LEU B 57 14.75 16.02 27.04
CA LEU B 57 16.07 16.51 26.68
C LEU B 57 16.04 18.01 26.40
N TRP B 58 14.99 18.48 25.71
CA TRP B 58 14.88 19.89 25.37
C TRP B 58 14.81 20.78 26.62
N GLU B 59 14.03 20.38 27.61
CA GLU B 59 13.80 21.23 28.77
C GLU B 59 14.82 21.04 29.89
N ASP B 60 15.66 20.01 29.83
CA ASP B 60 16.67 19.79 30.86
C ASP B 60 17.88 20.66 30.53
N ARG B 61 17.90 21.88 31.07
CA ARG B 61 18.98 22.82 30.79
C ARG B 61 20.27 22.50 31.52
N SER B 62 20.28 21.51 32.42
CA SER B 62 21.54 21.01 32.93
C SER B 62 22.33 20.26 31.86
N ILE B 63 21.70 19.92 30.74
CA ILE B 63 22.37 19.33 29.59
C ILE B 63 22.55 20.43 28.57
N GLY B 64 23.79 20.86 28.37
CA GLY B 64 24.06 21.95 27.44
C GLY B 64 23.75 21.58 26.00
N THR B 65 23.54 22.61 25.20
CA THR B 65 23.23 22.40 23.78
C THR B 65 24.40 21.75 23.05
N ALA B 66 25.63 22.19 23.34
CA ALA B 66 26.79 21.57 22.72
C ALA B 66 26.90 20.11 23.09
N GLU B 67 26.49 19.76 24.32
CA GLU B 67 26.45 18.37 24.75
C GLU B 67 25.44 17.58 23.94
N LEU B 68 24.24 18.14 23.74
CA LEU B 68 23.23 17.46 22.94
C LEU B 68 23.68 17.30 21.49
N GLN B 69 24.34 18.32 20.94
CA GLN B 69 24.79 18.25 19.56
C GLN B 69 25.83 17.16 19.37
N ALA B 70 26.81 17.08 20.28
CA ALA B 70 27.81 16.02 20.19
C ALA B 70 27.15 14.65 20.25
N ALA B 71 26.18 14.49 21.15
CA ALA B 71 25.48 13.20 21.27
C ALA B 71 24.71 12.87 20.01
N ALA B 72 24.00 13.85 19.45
CA ALA B 72 23.23 13.59 18.23
C ALA B 72 24.15 13.33 17.04
N GLU B 73 25.25 14.06 16.93
CA GLU B 73 26.16 13.85 15.81
C GLU B 73 26.82 12.47 15.90
N ALA B 74 27.17 12.03 17.10
CA ALA B 74 27.67 10.67 17.27
C ALA B 74 26.59 9.65 16.97
N ARG B 75 25.41 9.80 17.56
N ARG B 75 25.40 9.83 17.56
CA ARG B 75 24.35 8.81 17.40
CA ARG B 75 24.30 8.89 17.34
C ARG B 75 23.89 8.69 15.96
C ARG B 75 23.79 8.97 15.90
N CYS B 76 24.17 9.70 15.13
N CYS B 76 23.98 10.10 15.23
CA CYS B 76 23.79 9.69 13.72
CA CYS B 76 23.88 10.15 13.78
C CYS B 76 24.98 9.64 12.78
C CYS B 76 25.06 9.37 13.20
N GLY B 77 26.21 9.65 13.31
N GLY B 77 26.04 10.11 12.68
CA GLY B 77 27.38 9.61 12.45
CA GLY B 77 27.38 9.60 12.40
C GLY B 77 27.65 8.26 11.80
C GLY B 77 27.52 8.28 11.67
N ALA B 78 26.95 7.21 12.23
CA ALA B 78 27.10 5.89 11.67
C ALA B 78 26.16 5.61 10.50
N ARG B 79 25.27 6.55 10.16
CA ARG B 79 24.34 6.33 9.06
C ARG B 79 25.09 6.28 7.73
N ARG B 80 24.58 5.44 6.82
CA ARG B 80 25.16 5.29 5.49
C ARG B 80 24.03 5.37 4.47
N PRO B 81 24.08 6.29 3.49
CA PRO B 81 25.12 7.33 3.38
C PRO B 81 25.00 8.39 4.48
N ARG B 82 26.09 9.09 4.78
CA ARG B 82 26.03 10.17 5.75
C ARG B 82 25.19 11.33 5.24
N LEU B 83 25.28 11.62 3.94
CA LEU B 83 24.50 12.68 3.32
C LEU B 83 24.07 12.29 1.91
N HIS B 84 22.85 12.65 1.54
CA HIS B 84 22.45 12.69 0.15
C HIS B 84 21.75 14.03 -0.10
N THR B 85 21.60 14.38 -1.37
CA THR B 85 21.20 15.73 -1.74
C THR B 85 20.05 15.73 -2.74
N PHE B 86 19.25 16.78 -2.68
CA PHE B 86 18.29 17.10 -3.73
C PHE B 86 18.20 18.61 -3.86
N VAL B 87 17.93 19.07 -5.06
CA VAL B 87 17.84 20.50 -5.39
C VAL B 87 16.39 20.83 -5.64
N PRO B 88 15.85 21.89 -5.03
CA PRO B 88 14.44 22.24 -5.29
C PRO B 88 14.26 22.86 -6.66
N LEU B 89 13.20 22.46 -7.34
CA LEU B 89 12.78 23.07 -8.58
C LEU B 89 11.32 23.51 -8.42
N TYR B 90 11.12 24.82 -8.23
CA TYR B 90 9.77 25.36 -8.20
C TYR B 90 9.24 25.43 -9.63
N THR B 91 8.17 24.67 -9.90
CA THR B 91 7.63 24.55 -11.25
C THR B 91 6.62 25.65 -11.59
N THR B 92 6.21 26.43 -10.60
CA THR B 92 5.29 27.55 -10.76
C THR B 92 5.27 28.29 -9.43
N ASN B 93 4.82 29.55 -9.46
CA ASN B 93 4.57 30.29 -8.23
C ASN B 93 3.11 30.74 -8.11
N TYR B 94 2.22 30.19 -8.95
CA TYR B 94 0.80 30.36 -8.74
C TYR B 94 0.35 29.60 -7.51
N CYS B 95 -0.58 30.18 -6.77
CA CYS B 95 -1.13 29.51 -5.59
C CYS B 95 -2.49 30.10 -5.26
N ASP B 96 -3.40 29.24 -4.81
CA ASP B 96 -4.72 29.68 -4.38
C ASP B 96 -4.82 29.96 -2.89
N SER B 97 -3.79 29.62 -2.11
CA SER B 97 -3.83 29.78 -0.67
C SER B 97 -3.25 31.13 -0.27
N GLU B 98 -3.20 31.40 1.04
CA GLU B 98 -2.94 32.74 1.56
C GLU B 98 -2.03 32.71 2.78
N CYS B 99 -0.99 31.89 2.76
CA CYS B 99 -0.08 31.81 3.91
C CYS B 99 0.64 33.14 4.09
N LYS B 100 0.51 33.71 5.28
CA LYS B 100 0.95 35.09 5.53
C LYS B 100 2.46 35.23 5.62
N MET B 101 3.20 34.13 5.73
CA MET B 101 4.66 34.19 5.73
C MET B 101 5.28 33.97 4.36
N CYS B 102 4.47 33.73 3.33
CA CYS B 102 4.94 33.26 2.03
C CYS B 102 4.63 34.29 0.94
N SER B 103 5.61 34.55 0.06
CA SER B 103 5.41 35.52 -1.02
C SER B 103 4.45 35.01 -2.08
N MET B 104 4.25 33.70 -2.20
CA MET B 104 3.39 33.15 -3.24
C MET B 104 1.92 33.18 -2.88
N ARG B 105 1.57 33.70 -1.70
CA ARG B 105 0.17 33.83 -1.32
C ARG B 105 -0.62 34.55 -2.39
N LYS B 106 -1.85 34.10 -2.61
CA LYS B 106 -2.65 34.61 -3.73
C LYS B 106 -2.83 36.13 -3.65
N GLY B 107 -3.00 36.66 -2.43
CA GLY B 107 -3.24 38.07 -2.26
C GLY B 107 -2.03 38.96 -2.52
N ASN B 108 -0.86 38.38 -2.75
CA ASN B 108 0.34 39.17 -3.06
C ASN B 108 0.31 39.51 -4.54
N HIS B 109 -0.29 40.65 -4.88
CA HIS B 109 -0.41 41.07 -6.27
C HIS B 109 0.88 41.67 -6.82
N ARG B 110 1.91 41.84 -5.99
CA ARG B 110 3.21 42.31 -6.47
C ARG B 110 4.04 41.23 -7.13
N LEU B 111 3.69 39.97 -6.95
CA LEU B 111 4.49 38.87 -7.49
C LEU B 111 4.21 38.68 -8.98
N ASP B 112 5.29 38.46 -9.74
CA ASP B 112 5.18 38.10 -11.15
CA ASP B 112 5.18 38.10 -11.15
C ASP B 112 4.99 36.60 -11.24
N ARG B 113 3.80 36.17 -11.65
CA ARG B 113 3.47 34.75 -11.65
C ARG B 113 4.04 34.05 -12.88
N LYS B 114 4.65 32.88 -12.65
CA LYS B 114 5.32 32.11 -13.67
C LYS B 114 4.86 30.67 -13.63
N PHE B 115 5.04 29.97 -14.75
CA PHE B 115 4.59 28.60 -14.92
C PHE B 115 5.52 27.90 -15.90
N SER B 116 6.08 26.77 -15.50
CA SER B 116 7.01 26.01 -16.31
C SER B 116 6.29 24.89 -17.03
N GLY B 117 6.40 24.87 -18.35
CA GLY B 117 5.82 23.82 -19.17
C GLY B 117 6.80 22.69 -19.41
N ARG B 118 6.45 21.85 -20.39
CA ARG B 118 7.26 20.68 -20.71
C ARG B 118 8.71 21.07 -21.00
N LYS B 119 8.89 22.07 -21.86
CA LYS B 119 10.23 22.45 -22.28
C LYS B 119 11.05 23.00 -21.12
N GLU B 120 10.47 23.89 -20.32
CA GLU B 120 11.24 24.54 -19.27
C GLU B 120 11.62 23.57 -18.16
N ILE B 121 10.68 22.71 -17.74
CA ILE B 121 11.00 21.72 -16.71
C ILE B 121 12.11 20.79 -17.20
N THR B 122 12.03 20.35 -18.45
CA THR B 122 13.07 19.49 -18.99
C THR B 122 14.41 20.20 -19.06
N GLU B 123 14.42 21.46 -19.51
CA GLU B 123 15.66 22.23 -19.55
C GLU B 123 16.26 22.38 -18.16
N GLN B 124 15.42 22.66 -17.16
CA GLN B 124 15.91 22.82 -15.80
C GLN B 124 16.48 21.52 -15.25
N LEU B 125 15.84 20.40 -15.56
CA LEU B 125 16.35 19.11 -15.10
C LEU B 125 17.71 18.81 -15.72
N GLU B 126 17.87 19.13 -17.00
CA GLU B 126 19.15 18.89 -17.68
C GLU B 126 20.26 19.75 -17.09
N ILE B 127 19.96 21.01 -16.78
CA ILE B 127 20.96 21.88 -16.17
C ILE B 127 21.38 21.32 -14.82
N LEU B 128 20.41 20.92 -14.00
CA LEU B 128 20.72 20.35 -12.70
C LEU B 128 21.54 19.07 -12.83
N TYR B 129 21.17 18.20 -13.77
CA TYR B 129 21.87 16.93 -13.95
C TYR B 129 23.30 17.16 -14.43
N HIS B 130 23.47 17.89 -15.53
CA HIS B 130 24.78 18.00 -16.17
C HIS B 130 25.66 19.11 -15.63
N HIS B 131 25.09 20.28 -15.33
CA HIS B 131 25.91 21.41 -14.92
C HIS B 131 26.08 21.53 -13.42
N GLU B 132 25.15 21.00 -12.63
CA GLU B 132 25.32 20.95 -11.19
C GLU B 132 25.68 19.55 -10.69
N GLY B 133 25.47 18.53 -11.50
CA GLY B 133 25.86 17.18 -11.14
C GLY B 133 25.05 16.53 -10.04
N VAL B 134 23.79 16.93 -9.87
CA VAL B 134 22.95 16.37 -8.82
C VAL B 134 22.08 15.26 -9.41
N ARG B 135 21.75 14.30 -8.55
CA ARG B 135 20.88 13.19 -8.91
C ARG B 135 19.65 13.15 -8.02
N GLY B 136 19.40 14.21 -7.27
CA GLY B 136 18.15 14.36 -6.55
C GLY B 136 17.52 15.70 -6.89
N VAL B 137 16.20 15.68 -7.06
CA VAL B 137 15.45 16.89 -7.38
C VAL B 137 14.15 16.89 -6.60
N GLY B 138 13.66 18.08 -6.26
CA GLY B 138 12.35 18.22 -5.65
C GLY B 138 11.47 19.17 -6.45
N PHE B 139 10.23 18.76 -6.73
CA PHE B 139 9.27 19.58 -7.46
C PHE B 139 8.30 20.25 -6.49
N LEU B 140 8.05 21.54 -6.68
CA LEU B 140 7.19 22.29 -5.78
C LEU B 140 6.19 23.12 -6.58
N THR B 141 4.98 23.26 -6.01
CA THR B 141 3.92 24.08 -6.57
C THR B 141 3.24 24.83 -5.44
N GLY B 142 2.22 25.61 -5.78
CA GLY B 142 1.28 26.09 -4.80
C GLY B 142 0.29 24.98 -4.45
N GLU B 143 -0.69 25.34 -3.62
CA GLU B 143 -1.84 24.48 -3.39
C GLU B 143 -3.08 25.17 -3.94
N TYR B 144 -3.95 24.40 -4.58
CA TYR B 144 -5.05 24.94 -5.34
C TYR B 144 -6.38 24.49 -4.75
N GLU B 145 -7.42 25.27 -5.05
CA GLU B 145 -8.70 25.13 -4.35
C GLU B 145 -9.63 24.11 -5.01
N ASP B 146 -9.95 24.31 -6.29
CA ASP B 146 -10.97 23.47 -6.91
C ASP B 146 -10.38 22.12 -7.33
N LYS B 147 -11.25 21.10 -7.35
CA LYS B 147 -10.79 19.73 -7.55
C LYS B 147 -10.11 19.54 -8.90
N HIS B 148 -10.64 20.17 -9.96
CA HIS B 148 -10.03 19.99 -11.28
C HIS B 148 -8.61 20.53 -11.31
N THR B 149 -8.38 21.71 -10.73
CA THR B 149 -7.03 22.26 -10.69
C THR B 149 -6.09 21.37 -9.89
N ARG B 150 -6.57 20.83 -8.76
CA ARG B 150 -5.71 19.96 -7.95
C ARG B 150 -5.35 18.69 -8.71
N LEU B 151 -6.32 18.11 -9.43
CA LEU B 151 -6.04 16.94 -10.24
C LEU B 151 -5.10 17.26 -11.39
N ALA B 152 -5.30 18.40 -12.05
CA ALA B 152 -4.40 18.80 -13.14
C ALA B 152 -3.00 19.09 -12.63
N SER B 153 -2.89 19.65 -11.42
CA SER B 153 -1.57 19.87 -10.83
C SER B 153 -0.89 18.55 -10.51
N ALA B 154 -1.62 17.62 -9.91
CA ALA B 154 -1.06 16.29 -9.64
C ALA B 154 -0.61 15.62 -10.93
N PHE B 155 -1.34 15.83 -12.03
CA PHE B 155 -0.96 15.22 -13.30
C PHE B 155 0.37 15.77 -13.79
N ARG B 156 0.54 17.10 -13.76
CA ARG B 156 1.77 17.71 -14.25
C ARG B 156 2.97 17.30 -13.42
N ILE B 157 2.81 17.27 -12.09
CA ILE B 157 3.94 16.91 -11.22
C ILE B 157 4.26 15.43 -11.35
N GLY B 158 3.24 14.60 -11.51
CA GLY B 158 3.50 13.19 -11.78
C GLY B 158 4.30 12.99 -13.04
N TRP B 159 3.98 13.73 -14.10
CA TRP B 159 4.79 13.70 -15.30
C TRP B 159 6.22 14.14 -15.02
N ALA B 160 6.39 15.21 -14.23
CA ALA B 160 7.73 15.70 -13.93
C ALA B 160 8.55 14.67 -13.17
N ILE B 161 7.91 13.97 -12.23
CA ILE B 161 8.61 12.95 -11.44
C ILE B 161 9.07 11.82 -12.35
N ARG B 162 8.17 11.32 -13.20
CA ARG B 162 8.52 10.26 -14.14
C ARG B 162 9.65 10.70 -15.07
N THR B 163 9.59 11.95 -15.53
CA THR B 163 10.61 12.47 -16.44
C THR B 163 11.98 12.54 -15.77
N ALA B 164 12.02 12.96 -14.50
CA ALA B 164 13.29 13.04 -13.81
C ALA B 164 13.87 11.65 -13.55
N LEU B 165 13.04 10.69 -13.16
CA LEU B 165 13.53 9.33 -12.95
C LEU B 165 14.09 8.74 -14.23
N ASP B 166 13.41 8.96 -15.36
CA ASP B 166 13.89 8.43 -16.64
C ASP B 166 15.20 9.09 -17.08
N LEU B 167 15.41 10.36 -16.68
CA LEU B 167 16.66 11.06 -16.96
C LEU B 167 17.83 10.55 -16.13
N GLY B 168 17.57 9.80 -15.06
CA GLY B 168 18.64 9.31 -14.21
C GLY B 168 18.70 9.93 -12.83
N PHE B 169 17.73 10.75 -12.45
CA PHE B 169 17.66 11.18 -11.05
C PHE B 169 17.30 9.98 -10.19
N GLU B 170 18.02 9.84 -9.07
CA GLU B 170 17.90 8.68 -8.19
C GLU B 170 16.98 8.91 -7.00
N ARG B 171 16.51 10.14 -6.81
CA ARG B 171 15.63 10.48 -5.72
C ARG B 171 14.84 11.72 -6.11
N VAL B 172 13.51 11.66 -5.98
CA VAL B 172 12.65 12.78 -6.34
C VAL B 172 11.76 13.10 -5.15
N TYR B 173 11.79 14.35 -4.72
CA TYR B 173 10.85 14.87 -3.73
C TYR B 173 9.75 15.63 -4.44
N PHE B 174 8.58 15.73 -3.81
CA PHE B 174 7.56 16.64 -4.29
C PHE B 174 6.88 17.30 -3.10
N ASN B 175 6.47 18.54 -3.31
CA ASN B 175 5.91 19.39 -2.25
C ASN B 175 4.85 20.27 -2.94
N ILE B 176 3.62 19.74 -3.02
CA ILE B 176 2.60 20.34 -3.87
C ILE B 176 1.30 20.54 -3.11
N GLY B 177 1.38 20.56 -1.78
CA GLY B 177 0.20 20.76 -0.95
C GLY B 177 -0.34 19.46 -0.40
N SER B 178 -1.41 19.57 0.38
CA SER B 178 -2.14 18.41 0.85
C SER B 178 -2.67 17.62 -0.33
N MET B 179 -2.88 16.32 -0.12
CA MET B 179 -3.37 15.45 -1.19
C MET B 179 -4.43 14.51 -0.67
N GLU B 180 -5.58 14.50 -1.35
CA GLU B 180 -6.61 13.51 -1.10
C GLU B 180 -6.35 12.27 -1.95
N GLN B 181 -7.13 11.22 -1.69
CA GLN B 181 -6.83 9.91 -2.28
C GLN B 181 -6.94 9.94 -3.81
N ASP B 182 -7.95 10.61 -4.35
CA ASP B 182 -8.09 10.64 -5.81
C ASP B 182 -6.97 11.45 -6.46
N GLU B 183 -6.41 12.42 -5.75
CA GLU B 183 -5.29 13.18 -6.29
C GLU B 183 -4.00 12.35 -6.24
N ILE B 184 -3.82 11.55 -5.19
CA ILE B 184 -2.71 10.61 -5.15
C ILE B 184 -2.83 9.60 -6.28
N ASP B 185 -4.07 9.18 -6.60
CA ASP B 185 -4.29 8.29 -7.73
C ASP B 185 -3.70 8.88 -9.01
N VAL B 186 -3.98 10.15 -9.28
CA VAL B 186 -3.51 10.78 -10.51
C VAL B 186 -2.00 10.85 -10.55
N LEU B 187 -1.37 11.31 -9.47
CA LEU B 187 0.09 11.37 -9.44
C LEU B 187 0.69 9.97 -9.50
N GLY B 188 0.09 9.01 -8.78
CA GLY B 188 0.66 7.68 -8.66
C GLY B 188 0.70 6.89 -9.95
N GLU B 189 -0.13 7.25 -10.93
CA GLU B 189 -0.12 6.56 -12.21
C GLU B 189 1.17 6.78 -12.99
N TRP B 190 2.01 7.73 -12.55
CA TRP B 190 3.26 8.03 -13.20
C TRP B 190 4.45 7.26 -12.62
N ILE B 191 4.27 6.60 -11.48
CA ILE B 191 5.38 6.00 -10.76
C ILE B 191 5.00 4.59 -10.31
N GLY B 192 6.02 3.83 -9.90
CA GLY B 192 5.82 2.57 -9.23
C GLY B 192 5.91 2.76 -7.72
N ARG B 193 5.27 1.85 -6.99
CA ARG B 193 5.22 1.99 -5.54
C ARG B 193 6.58 1.85 -4.88
N GLU B 194 7.57 1.30 -5.57
CA GLU B 194 8.92 1.20 -5.06
C GLU B 194 9.85 2.29 -5.57
N ASP B 195 9.36 3.24 -6.37
CA ASP B 195 10.21 4.29 -6.90
C ASP B 195 10.70 5.19 -5.77
N PRO B 196 11.90 5.77 -5.90
CA PRO B 196 12.45 6.63 -4.83
C PRO B 196 11.83 8.02 -4.84
N VAL B 197 10.58 8.11 -4.42
CA VAL B 197 9.79 9.34 -4.46
C VAL B 197 9.28 9.67 -3.06
N THR B 198 9.57 10.86 -2.58
CA THR B 198 9.25 11.29 -1.22
C THR B 198 8.18 12.38 -1.25
N MET B 199 7.08 12.16 -0.53
CA MET B 199 6.05 13.18 -0.37
C MET B 199 6.42 14.14 0.76
N CYS B 200 6.44 15.43 0.47
CA CYS B 200 6.71 16.46 1.46
C CYS B 200 5.43 17.24 1.74
N VAL B 201 5.01 17.26 3.02
CA VAL B 201 3.91 18.09 3.47
C VAL B 201 4.25 18.63 4.86
N PHE B 202 4.87 19.81 4.91
CA PHE B 202 5.23 20.40 6.20
C PHE B 202 3.98 20.99 6.84
N GLN B 203 3.66 20.55 8.06
CA GLN B 203 2.50 21.09 8.74
C GLN B 203 2.68 22.56 9.12
N GLU B 204 3.91 23.07 9.07
CA GLU B 204 4.30 24.44 9.39
C GLU B 204 4.18 24.70 10.89
N SER B 205 2.98 24.55 11.43
CA SER B 205 2.78 24.52 12.87
C SER B 205 1.78 23.44 13.20
N TYR B 206 2.06 22.66 14.24
CA TYR B 206 1.09 21.70 14.73
C TYR B 206 0.15 22.31 15.75
N ASP B 207 0.33 23.59 16.07
CA ASP B 207 -0.59 24.30 16.94
C ASP B 207 -1.72 24.86 16.09
N ARG B 208 -2.96 24.45 16.37
CA ARG B 208 -4.07 24.82 15.50
C ARG B 208 -4.30 26.33 15.50
N GLU B 209 -4.07 26.99 16.63
CA GLU B 209 -4.32 28.43 16.70
C GLU B 209 -3.27 29.21 15.93
N THR B 210 -1.99 28.85 16.07
CA THR B 210 -0.95 29.46 15.25
C THR B 210 -1.15 29.13 13.77
N TYR B 211 -1.46 27.87 13.47
CA TYR B 211 -1.73 27.46 12.09
C TYR B 211 -2.82 28.33 11.47
N ARG B 212 -3.94 28.48 12.18
CA ARG B 212 -5.04 29.32 11.71
C ARG B 212 -4.59 30.76 11.49
N ARG B 213 -3.69 31.26 12.35
CA ARG B 213 -3.23 32.65 12.20
C ARG B 213 -2.49 32.86 10.88
N PHE B 214 -1.65 31.90 10.49
CA PHE B 214 -0.84 32.11 9.29
C PHE B 214 -1.48 31.53 8.03
N MET B 215 -2.15 30.39 8.13
CA MET B 215 -2.71 29.73 6.95
C MET B 215 -4.15 30.13 6.66
N GLY B 216 -4.80 30.88 7.55
CA GLY B 216 -6.14 31.36 7.29
C GLY B 216 -7.21 30.45 7.86
N LYS B 217 -8.45 30.88 7.69
CA LYS B 217 -9.61 30.17 8.21
C LYS B 217 -10.24 29.32 7.12
N THR B 218 -11.01 28.33 7.54
CA THR B 218 -11.54 27.30 6.65
C THR B 218 -12.84 27.75 5.99
N SER B 219 -13.26 26.97 4.98
CA SER B 219 -14.56 27.12 4.33
C SER B 219 -14.71 28.44 3.59
N VAL B 220 -13.61 29.02 3.12
CA VAL B 220 -13.66 30.28 2.38
C VAL B 220 -12.79 30.21 1.14
N GLY B 221 -12.52 29.01 0.64
CA GLY B 221 -11.72 28.85 -0.56
C GLY B 221 -10.24 28.98 -0.37
N VAL B 222 -9.74 28.83 0.86
CA VAL B 222 -8.31 28.83 1.13
C VAL B 222 -7.90 27.39 1.43
N PRO B 223 -7.30 26.69 0.46
CA PRO B 223 -7.16 25.23 0.62
C PRO B 223 -6.25 24.78 1.74
N LYS B 224 -5.17 25.52 2.02
CA LYS B 224 -4.26 25.10 3.08
C LYS B 224 -4.82 25.38 4.48
N ALA B 225 -5.93 26.13 4.59
CA ALA B 225 -6.54 26.36 5.89
C ALA B 225 -7.04 25.07 6.55
N ASP B 226 -7.35 24.03 5.76
CA ASP B 226 -7.80 22.77 6.33
C ASP B 226 -6.63 22.03 6.96
N PHE B 227 -6.45 22.24 8.28
CA PHE B 227 -5.38 21.60 9.04
C PHE B 227 -5.43 20.08 8.92
N ASP B 228 -6.63 19.51 9.01
CA ASP B 228 -6.78 18.06 9.12
C ASP B 228 -6.50 17.36 7.79
N ARG B 229 -6.98 17.91 6.68
CA ARG B 229 -6.66 17.34 5.38
C ARG B 229 -5.16 17.33 5.16
N ARG B 230 -4.47 18.38 5.61
CA ARG B 230 -3.02 18.46 5.41
C ARG B 230 -2.29 17.43 6.25
N VAL B 231 -2.67 17.25 7.51
CA VAL B 231 -1.85 16.45 8.42
C VAL B 231 -2.00 14.95 8.18
N VAL B 232 -3.08 14.50 7.53
CA VAL B 232 -3.26 13.09 7.22
C VAL B 232 -2.85 12.76 5.78
N SER B 233 -2.20 13.70 5.08
CA SER B 233 -1.77 13.43 3.71
C SER B 233 -0.78 12.26 3.65
N PHE B 234 0.14 12.20 4.61
CA PHE B 234 1.08 11.08 4.66
C PHE B 234 0.35 9.75 4.84
N ASP B 235 -0.72 9.74 5.63
CA ASP B 235 -1.46 8.50 5.85
C ASP B 235 -2.18 8.04 4.59
N ARG B 236 -2.65 8.98 3.76
CA ARG B 236 -3.24 8.59 2.48
C ARG B 236 -2.17 8.07 1.53
N TRP B 237 -0.99 8.68 1.55
CA TRP B 237 0.14 8.22 0.74
C TRP B 237 0.55 6.81 1.13
N LEU B 238 0.65 6.54 2.44
CA LEU B 238 1.00 5.20 2.90
C LEU B 238 -0.10 4.19 2.59
N ASP B 239 -1.37 4.61 2.68
CA ASP B 239 -2.47 3.70 2.33
C ASP B 239 -2.36 3.22 0.90
N ALA B 240 -1.87 4.08 0.00
CA ALA B 240 -1.77 3.73 -1.41
C ALA B 240 -0.57 2.83 -1.71
N GLY B 241 0.27 2.54 -0.72
CA GLY B 241 1.37 1.61 -0.90
C GLY B 241 2.74 2.23 -1.06
N TYR B 242 2.88 3.55 -0.88
CA TYR B 242 4.17 4.21 -0.97
C TYR B 242 4.85 4.21 0.40
N ARG B 243 6.04 4.79 0.51
CA ARG B 243 6.77 4.61 1.76
C ARG B 243 7.61 5.80 2.23
N TYR B 244 8.00 6.71 1.34
CA TYR B 244 8.89 7.81 1.69
C TYR B 244 8.08 9.06 1.96
N VAL B 245 8.30 9.68 3.14
CA VAL B 245 7.55 10.86 3.58
C VAL B 245 8.50 11.87 4.21
N ASN B 246 8.00 13.10 4.38
CA ASN B 246 8.82 14.19 4.90
C ASN B 246 7.97 15.23 5.62
N PRO B 247 7.64 15.01 6.89
CA PRO B 247 6.96 16.07 7.67
C PRO B 247 7.91 17.20 8.02
N GLY B 248 7.33 18.30 8.49
CA GLY B 248 8.14 19.47 8.78
C GLY B 248 7.43 20.50 9.62
N VAL B 249 8.23 21.34 10.27
CA VAL B 249 7.77 22.48 11.03
C VAL B 249 8.52 23.72 10.53
N LEU B 250 7.80 24.81 10.33
CA LEU B 250 8.42 26.07 9.94
C LEU B 250 8.82 26.82 11.22
N VAL B 251 10.12 26.84 11.50
CA VAL B 251 10.61 27.40 12.76
C VAL B 251 10.54 28.92 12.68
N GLY B 252 9.74 29.51 13.58
CA GLY B 252 9.51 30.94 13.53
C GLY B 252 8.05 31.33 13.52
N LEU B 253 7.15 30.38 13.27
CA LEU B 253 5.72 30.67 13.33
C LEU B 253 5.21 30.61 14.77
N HIS B 254 5.32 29.45 15.40
CA HIS B 254 4.87 29.26 16.78
C HIS B 254 6.03 29.54 17.72
N ASP B 255 5.77 30.34 18.76
CA ASP B 255 6.85 30.80 19.62
C ASP B 255 7.19 29.84 20.77
N ASP B 256 6.48 28.72 20.89
CA ASP B 256 6.80 27.70 21.88
C ASP B 256 7.34 26.48 21.14
N LEU B 257 8.67 26.37 21.07
CA LEU B 257 9.29 25.29 20.30
C LEU B 257 9.11 23.94 20.96
N SER B 258 8.90 23.88 22.27
CA SER B 258 8.72 22.59 22.93
C SER B 258 7.46 21.89 22.41
N ALA B 259 6.43 22.66 22.09
CA ALA B 259 5.19 22.07 21.56
C ALA B 259 5.39 21.54 20.14
N GLU B 260 6.06 22.31 19.28
CA GLU B 260 6.30 21.85 17.91
C GLU B 260 7.22 20.65 17.89
N LEU B 261 8.23 20.63 18.77
CA LEU B 261 9.13 19.50 18.86
C LEU B 261 8.39 18.22 19.24
N VAL B 262 7.49 18.31 20.23
CA VAL B 262 6.73 17.14 20.65
C VAL B 262 5.86 16.62 19.51
N SER B 263 5.19 17.53 18.80
CA SER B 263 4.28 17.11 17.73
C SER B 263 5.04 16.52 16.54
N LEU B 264 6.16 17.13 16.16
CA LEU B 264 6.90 16.64 15.00
C LEU B 264 7.53 15.28 15.28
N VAL B 265 8.14 15.11 16.46
CA VAL B 265 8.70 13.82 16.83
C VAL B 265 7.62 12.75 16.88
N ALA B 266 6.44 13.11 17.42
CA ALA B 266 5.36 12.15 17.49
C ALA B 266 4.84 11.79 16.11
N HIS B 267 4.83 12.75 15.18
CA HIS B 267 4.42 12.44 13.81
C HIS B 267 5.42 11.50 13.15
N GLY B 268 6.71 11.80 13.26
CA GLY B 268 7.73 10.90 12.75
C GLY B 268 7.66 9.53 13.38
N ASP B 269 7.29 9.46 14.66
CA ASP B 269 7.17 8.17 15.34
C ASP B 269 5.98 7.39 14.81
N HIS B 270 4.85 8.08 14.57
CA HIS B 270 3.70 7.42 13.97
C HIS B 270 4.03 6.89 12.57
N LEU B 271 4.71 7.70 11.77
CA LEU B 271 5.07 7.26 10.42
C LEU B 271 6.04 6.08 10.46
N ARG B 272 6.95 6.08 11.43
CA ARG B 272 7.84 4.94 11.63
C ARG B 272 7.05 3.68 11.94
N SER B 273 6.02 3.78 12.78
CA SER B 273 5.24 2.60 13.15
C SER B 273 4.47 2.03 11.96
N ARG B 274 4.17 2.85 10.96
CA ARG B 274 3.53 2.37 9.75
C ARG B 274 4.52 1.81 8.74
N GLY B 275 5.81 1.77 9.07
CA GLY B 275 6.82 1.27 8.15
C GLY B 275 7.36 2.28 7.16
N ALA B 276 7.02 3.55 7.32
CA ALA B 276 7.50 4.57 6.40
C ALA B 276 8.96 4.91 6.68
N THR B 277 9.62 5.40 5.63
CA THR B 277 10.92 6.06 5.77
C THR B 277 10.66 7.55 5.70
N ALA B 278 11.09 8.27 6.73
CA ALA B 278 10.74 9.68 6.89
C ALA B 278 11.99 10.53 7.05
N ASP B 279 12.07 11.60 6.25
CA ASP B 279 12.94 12.73 6.55
C ASP B 279 12.17 13.72 7.42
N LEU B 280 12.92 14.56 8.15
CA LEU B 280 12.32 15.56 9.02
C LEU B 280 12.93 16.93 8.69
N SER B 281 12.07 17.94 8.53
CA SER B 281 12.52 19.27 8.13
C SER B 281 12.09 20.28 9.17
N VAL B 282 13.03 21.11 9.63
CA VAL B 282 12.68 22.25 10.49
C VAL B 282 13.23 23.53 9.88
N PRO B 283 12.79 23.91 8.67
CA PRO B 283 13.33 25.13 8.05
C PRO B 283 13.00 26.37 8.86
N ARG B 284 13.94 27.31 8.89
CA ARG B 284 13.76 28.58 9.55
C ARG B 284 13.25 29.63 8.57
N MET B 285 12.56 30.63 9.11
CA MET B 285 11.96 31.68 8.29
C MET B 285 13.03 32.49 7.57
N ARG B 286 12.69 32.95 6.38
CA ARG B 286 13.53 33.81 5.55
C ARG B 286 12.71 35.00 5.10
N PRO B 287 13.37 36.12 4.74
CA PRO B 287 12.61 37.30 4.31
C PRO B 287 11.71 37.01 3.13
N ALA B 288 10.51 37.60 3.15
CA ALA B 288 9.52 37.38 2.11
C ALA B 288 8.51 38.53 2.17
N MET B 289 7.62 38.55 1.17
CA MET B 289 6.56 39.55 1.11
C MET B 289 5.42 39.09 2.02
N LYS B 290 5.61 39.30 3.32
CA LYS B 290 4.71 38.77 4.33
C LYS B 290 3.60 39.77 4.64
N SER B 291 2.46 39.23 5.08
CA SER B 291 1.37 40.02 5.61
C SER B 291 1.23 39.90 7.12
N ARG B 292 2.18 39.19 7.75
CA ARG B 292 2.24 39.05 9.20
C ARG B 292 3.68 38.71 9.56
N ASP B 293 4.24 39.37 10.56
CA ASP B 293 5.63 39.10 10.86
C ASP B 293 5.76 37.81 11.67
N THR B 294 6.99 37.32 11.76
CA THR B 294 7.30 36.05 12.39
C THR B 294 8.38 36.24 13.44
N THR B 295 8.68 35.17 14.17
CA THR B 295 9.71 35.17 15.20
C THR B 295 11.01 34.62 14.64
N ARG B 296 12.12 35.27 14.98
CA ARG B 296 13.44 34.77 14.61
C ARG B 296 13.97 33.92 15.77
N VAL B 297 14.27 32.66 15.48
CA VAL B 297 14.83 31.75 16.47
C VAL B 297 16.33 31.80 16.37
N GLY B 298 17.00 32.02 17.51
CA GLY B 298 18.44 32.13 17.51
C GLY B 298 19.14 30.81 17.20
N ASP B 299 20.42 30.92 16.86
CA ASP B 299 21.17 29.74 16.44
C ASP B 299 21.34 28.73 17.57
N ASP B 300 21.44 29.19 18.82
CA ASP B 300 21.60 28.26 19.94
CA ASP B 300 21.60 28.24 19.92
C ASP B 300 20.36 27.38 20.08
N ASP B 301 19.19 28.01 20.20
CA ASP B 301 17.96 27.24 20.34
C ASP B 301 17.72 26.35 19.11
N TYR B 302 18.07 26.86 17.93
CA TYR B 302 17.84 26.09 16.71
C TYR B 302 18.74 24.85 16.65
N LEU B 303 20.01 25.00 17.05
CA LEU B 303 20.89 23.84 17.12
C LEU B 303 20.40 22.85 18.17
N ARG B 304 19.90 23.36 19.31
CA ARG B 304 19.33 22.49 20.32
C ARG B 304 18.12 21.75 19.79
N LEU B 305 17.28 22.44 19.01
CA LEU B 305 16.12 21.79 18.41
C LEU B 305 16.54 20.69 17.45
N MET B 306 17.48 21.00 16.54
CA MET B 306 17.97 19.99 15.61
C MET B 306 18.58 18.80 16.35
N SER B 307 19.34 19.08 17.42
CA SER B 307 20.03 18.00 18.14
C SER B 307 19.05 17.04 18.80
N VAL B 308 17.99 17.58 19.43
CA VAL B 308 17.04 16.73 20.12
C VAL B 308 16.26 15.88 19.13
N VAL B 309 15.84 16.46 17.99
CA VAL B 309 15.15 15.70 16.96
C VAL B 309 16.06 14.64 16.38
N ALA B 310 17.27 15.03 15.97
CA ALA B 310 18.18 14.08 15.35
C ALA B 310 18.52 12.92 16.29
N PHE B 311 18.70 13.22 17.58
CA PHE B 311 19.05 12.18 18.55
C PHE B 311 17.88 11.21 18.76
N THR B 312 16.69 11.75 19.02
CA THR B 312 15.56 10.88 19.37
C THR B 312 14.96 10.18 18.16
N CYS B 313 15.24 10.67 16.95
CA CYS B 313 14.77 10.06 15.70
C CYS B 313 15.98 9.72 14.82
N PRO B 314 16.82 8.77 15.26
CA PRO B 314 18.14 8.60 14.61
C PRO B 314 18.07 8.03 13.20
N GLU B 315 16.98 7.37 12.81
CA GLU B 315 16.84 6.86 11.45
C GLU B 315 16.13 7.83 10.53
N GLN B 316 15.73 9.00 11.03
CA GLN B 316 14.95 9.97 10.27
C GLN B 316 15.83 11.19 10.03
N ARG B 317 16.30 11.33 8.78
CA ARG B 317 17.29 12.35 8.44
C ARG B 317 16.68 13.74 8.53
N LEU B 318 17.39 14.66 9.19
CA LEU B 318 17.06 16.07 9.11
C LEU B 318 17.51 16.65 7.77
N VAL B 319 16.70 17.56 7.23
CA VAL B 319 17.00 18.22 5.95
C VAL B 319 17.50 19.63 6.25
N LEU B 320 18.69 19.94 5.76
CA LEU B 320 19.31 21.26 5.90
C LEU B 320 19.38 21.91 4.54
N THR B 321 18.90 23.15 4.43
CA THR B 321 18.78 23.82 3.14
C THR B 321 19.51 25.16 3.15
N THR B 322 19.59 25.76 1.96
CA THR B 322 20.22 27.07 1.79
C THR B 322 19.34 28.21 2.28
N ARG B 323 18.23 27.92 2.97
CA ARG B 323 17.67 28.93 3.87
C ARG B 323 18.70 29.38 4.90
N GLU B 324 19.70 28.54 5.18
CA GLU B 324 20.77 28.82 6.12
C GLU B 324 22.01 29.30 5.41
N PRO B 325 22.72 30.26 5.99
CA PRO B 325 23.98 30.72 5.38
C PRO B 325 25.06 29.64 5.49
N GLN B 326 26.12 29.84 4.70
CA GLN B 326 27.22 28.88 4.67
C GLN B 326 27.79 28.63 6.08
N GLU B 327 27.95 29.69 6.88
CA GLU B 327 28.55 29.53 8.19
CA GLU B 327 28.54 29.54 8.20
C GLU B 327 27.70 28.65 9.11
N PHE B 328 26.37 28.69 8.96
CA PHE B 328 25.55 27.83 9.80
C PHE B 328 25.53 26.40 9.28
N GLN B 329 25.50 26.23 7.96
CA GLN B 329 25.61 24.88 7.39
C GLN B 329 26.83 24.17 7.92
N ASP B 330 27.98 24.88 7.99
CA ASP B 330 29.22 24.27 8.43
C ASP B 330 29.12 23.75 9.86
N VAL B 331 28.46 24.49 10.74
CA VAL B 331 28.40 24.08 12.14
CA VAL B 331 28.39 24.10 12.15
C VAL B 331 27.28 23.08 12.42
N ALA B 332 26.25 23.04 11.59
CA ALA B 332 25.11 22.14 11.81
C ALA B 332 25.12 20.91 10.92
N LEU B 333 26.05 20.80 9.98
CA LEU B 333 25.95 19.77 8.95
C LEU B 333 25.95 18.36 9.56
N GLY B 334 26.72 18.16 10.62
CA GLY B 334 26.79 16.87 11.28
C GLY B 334 25.48 16.39 11.87
N LEU B 335 24.50 17.28 12.00
CA LEU B 335 23.18 16.90 12.49
C LEU B 335 22.23 16.50 11.36
N ALA B 336 22.59 16.74 10.11
CA ALA B 336 21.70 16.52 8.99
C ALA B 336 21.98 15.20 8.29
N GLY B 337 20.96 14.67 7.63
CA GLY B 337 21.11 13.52 6.76
C GLY B 337 20.81 13.84 5.31
N VAL B 338 20.24 15.02 5.05
CA VAL B 338 19.96 15.49 3.70
C VAL B 338 20.42 16.94 3.60
N ILE B 339 21.12 17.27 2.52
CA ILE B 339 21.54 18.64 2.24
C ILE B 339 20.84 19.08 0.95
N SER B 340 20.12 20.19 1.01
CA SER B 340 19.30 20.64 -0.12
C SER B 340 19.66 22.08 -0.49
N PRO B 341 20.55 22.26 -1.47
CA PRO B 341 20.86 23.62 -1.91
C PRO B 341 20.04 24.01 -3.14
N GLY B 342 19.70 25.28 -3.27
CA GLY B 342 18.91 25.73 -4.40
C GLY B 342 18.20 27.04 -4.08
N SER B 343 17.33 27.42 -5.01
CA SER B 343 16.63 28.69 -4.95
C SER B 343 15.12 28.48 -5.12
N PRO B 344 14.30 29.19 -4.30
CA PRO B 344 12.84 29.07 -4.40
C PRO B 344 12.24 30.03 -5.43
N ASP B 345 12.83 30.05 -6.62
CA ASP B 345 12.38 30.86 -7.73
C ASP B 345 12.01 29.92 -8.86
N VAL B 346 11.11 30.36 -9.73
CA VAL B 346 10.61 29.48 -10.80
C VAL B 346 11.69 29.35 -11.88
N ALA B 347 12.10 28.11 -12.15
CA ALA B 347 13.08 27.80 -13.19
C ALA B 347 14.31 28.71 -13.12
N PRO B 348 15.02 28.74 -11.99
CA PRO B 348 16.06 29.75 -11.79
C PRO B 348 17.46 29.32 -12.21
N TYR B 349 17.67 28.08 -12.59
CA TYR B 349 19.02 27.54 -12.77
C TYR B 349 19.55 27.84 -14.17
N ARG B 350 20.82 28.18 -14.23
CA ARG B 350 21.50 28.54 -15.46
C ARG B 350 22.82 27.80 -15.52
N ALA B 351 23.20 27.42 -16.73
N ALA B 351 23.21 27.43 -16.75
CA ALA B 351 24.53 26.86 -16.94
CA ALA B 351 24.31 26.49 -16.94
C ALA B 351 25.59 27.91 -16.66
C ALA B 351 25.63 27.00 -16.39
N GLY B 352 26.58 27.54 -15.85
N GLY B 352 25.87 28.31 -16.45
CA GLY B 352 27.77 28.36 -15.69
CA GLY B 352 27.20 28.79 -16.15
C GLY B 352 27.68 29.52 -14.71
C GLY B 352 27.35 29.78 -15.00
N CYS B 353 26.61 29.62 -13.92
N CYS B 353 26.35 29.86 -14.12
CA CYS B 353 26.49 30.70 -12.95
CA CYS B 353 26.43 30.80 -13.00
C CYS B 353 25.50 30.30 -11.87
C CYS B 353 25.46 30.36 -11.91
N GLU B 354 25.38 31.18 -10.86
CA GLU B 354 24.50 30.91 -9.74
C GLU B 354 23.04 31.11 -10.13
N ALA B 355 22.15 30.46 -9.37
CA ALA B 355 20.74 30.48 -9.69
C ALA B 355 20.11 31.83 -9.39
N ARG B 356 19.05 32.14 -10.13
CA ARG B 356 18.26 33.34 -9.90
C ARG B 356 17.48 33.21 -8.59
N ASN B 357 17.32 34.34 -7.91
CA ASN B 357 16.49 34.45 -6.70
C ASN B 357 15.81 35.82 -6.74
N ASP B 358 15.03 36.04 -7.80
CA ASP B 358 14.41 37.34 -8.04
CA ASP B 358 14.40 37.33 -8.04
C ASP B 358 13.32 37.60 -7.00
N GLU B 359 13.34 38.80 -6.41
CA GLU B 359 12.35 39.16 -5.40
C GLU B 359 10.94 39.21 -5.97
N LYS B 360 10.80 39.59 -7.24
CA LYS B 360 9.47 39.70 -7.83
C LYS B 360 8.84 38.36 -8.18
N SER B 361 9.58 37.25 -8.04
CA SER B 361 9.02 35.95 -8.38
C SER B 361 9.34 34.84 -7.39
N SER B 362 10.21 35.05 -6.41
CA SER B 362 10.62 33.99 -5.50
C SER B 362 9.66 33.86 -4.33
N GLN B 363 9.66 32.66 -3.73
CA GLN B 363 8.89 32.47 -2.50
C GLN B 363 9.53 33.21 -1.33
N PHE B 364 10.86 33.23 -1.27
CA PHE B 364 11.58 33.96 -0.24
C PHE B 364 13.02 34.14 -0.71
N LEU B 365 13.81 34.82 0.11
CA LEU B 365 15.21 35.09 -0.20
CA LEU B 365 15.20 35.11 -0.18
C LEU B 365 16.09 34.11 0.56
N VAL B 366 16.85 33.30 -0.18
CA VAL B 366 17.76 32.36 0.48
C VAL B 366 18.95 33.10 1.08
N ALA B 367 19.63 32.42 1.99
CA ALA B 367 20.82 32.95 2.63
C ALA B 367 22.11 32.52 1.95
N ASP B 368 22.04 31.60 0.98
CA ASP B 368 23.22 31.03 0.36
C ASP B 368 22.89 30.85 -1.12
N LEU B 369 23.52 31.67 -1.97
CA LEU B 369 23.28 31.64 -3.40
C LEU B 369 24.28 30.78 -4.16
N ARG B 370 25.25 30.18 -3.48
CA ARG B 370 26.29 29.42 -4.16
C ARG B 370 25.69 28.29 -4.99
N ARG B 371 26.33 27.99 -6.12
CA ARG B 371 25.90 26.89 -6.95
C ARG B 371 25.98 25.58 -6.17
N PRO B 372 24.99 24.70 -6.30
CA PRO B 372 25.06 23.39 -5.61
C PRO B 372 26.36 22.65 -5.84
N ARG B 373 26.91 22.67 -7.06
CA ARG B 373 28.14 21.94 -7.33
C ARG B 373 29.30 22.45 -6.47
N HIS B 374 29.29 23.73 -6.12
CA HIS B 374 30.33 24.30 -5.25
C HIS B 374 30.04 24.06 -3.78
N ILE B 375 28.77 24.16 -3.36
CA ILE B 375 28.41 23.81 -1.98
C ILE B 375 28.76 22.36 -1.70
N LEU B 376 28.30 21.46 -2.58
CA LEU B 376 28.49 20.03 -2.35
C LEU B 376 29.94 19.61 -2.56
N GLY B 377 30.61 20.20 -3.55
CA GLY B 377 32.02 19.91 -3.74
C GLY B 377 32.87 20.32 -2.56
N ARG B 378 32.56 21.48 -1.96
CA ARG B 378 33.27 21.92 -0.76
C ARG B 378 32.99 20.97 0.41
N ILE B 379 31.75 20.50 0.53
CA ILE B 379 31.41 19.56 1.60
C ILE B 379 32.20 18.26 1.42
N GLU B 380 32.25 17.74 0.20
CA GLU B 380 33.02 16.52 -0.04
C GLU B 380 34.51 16.74 0.19
N ALA B 381 35.03 17.91 -0.21
CA ALA B 381 36.44 18.18 0.00
C ALA B 381 36.80 18.26 1.49
N SER B 382 35.85 18.67 2.33
CA SER B 382 36.11 18.78 3.76
C SER B 382 35.95 17.45 4.50
N GLY B 383 35.46 16.40 3.84
CA GLY B 383 35.49 15.06 4.40
C GLY B 383 34.15 14.35 4.47
N THR B 384 33.05 14.89 3.95
CA THR B 384 31.76 14.21 3.98
C THR B 384 31.30 13.90 2.55
N PRO B 385 31.28 12.64 2.13
CA PRO B 385 30.74 12.32 0.80
C PRO B 385 29.26 12.66 0.73
N VAL B 386 28.82 13.07 -0.46
CA VAL B 386 27.44 13.45 -0.69
C VAL B 386 26.86 12.50 -1.74
N ASP B 387 26.01 11.58 -1.29
CA ASP B 387 25.35 10.69 -2.22
C ASP B 387 24.42 11.47 -3.14
N HIS B 388 24.28 10.97 -4.37
CA HIS B 388 23.47 11.61 -5.42
C HIS B 388 24.07 12.95 -5.85
N PHE B 389 25.38 13.08 -5.71
CA PHE B 389 26.13 14.20 -6.27
C PHE B 389 27.33 13.64 -7.00
N VAL B 390 27.43 13.91 -8.30
CA VAL B 390 28.56 13.51 -9.12
C VAL B 390 29.19 14.80 -9.62
N ASN B 391 30.28 15.21 -8.99
CA ASN B 391 30.89 16.50 -9.25
C ASN B 391 31.20 16.63 -10.75
N PRO B 392 30.65 17.65 -11.42
CA PRO B 392 30.90 17.78 -12.87
C PRO B 392 32.36 18.07 -13.21
N ALA B 393 33.14 18.61 -12.29
CA ALA B 393 34.53 18.94 -12.54
C ALA B 393 35.35 17.70 -12.89
FE1 SF4 C . -0.28 -28.46 0.77
FE2 SF4 C . -1.01 -28.83 -1.82
FE3 SF4 C . 0.03 -26.47 -1.05
FE4 SF4 C . -2.52 -27.19 -0.25
S1 SF4 C . -1.82 -26.74 -2.40
S2 SF4 C . -0.88 -26.25 1.05
S3 SF4 C . -2.23 -29.45 0.03
S4 SF4 C . 1.13 -28.50 -1.05
C1 GOL D . -22.85 -15.90 -0.66
O1 GOL D . -23.46 -15.17 -1.68
C2 GOL D . -21.75 -16.75 -1.33
O2 GOL D . -21.06 -16.02 -2.29
C3 GOL D . -20.84 -17.20 -0.17
O3 GOL D . -19.92 -18.10 -0.69
C1 GOL E . 2.20 -30.95 -18.10
O1 GOL E . 2.42 -30.56 -19.43
C2 GOL E . 0.74 -30.57 -17.72
O2 GOL E . -0.02 -31.68 -17.39
C3 GOL E . 0.18 -29.80 -18.95
O3 GOL E . -1.09 -30.31 -19.22
BR BR F . 4.17 -18.37 -12.26
BR BR G . -21.13 -5.51 6.06
BR BR H . -24.59 -3.44 -5.04
NA NA I . -19.38 -1.34 1.52
N SAH J . -3.94 -26.75 1.58
CA SAH J . -5.24 -26.38 1.02
CB SAH J . -5.28 -24.90 0.68
CG SAH J . -4.39 -24.50 -0.50
SD SAH J . -4.17 -22.72 -0.71
C SAH J . -5.53 -27.23 -0.21
O SAH J . -4.62 -27.69 -0.90
OXT SAH J . -6.68 -27.50 -0.56
C5' SAH J . -5.66 -22.56 -1.73
C4' SAH J . -5.43 -22.53 -3.25
O4' SAH J . -4.31 -21.75 -3.65
C3' SAH J . -5.17 -23.90 -3.85
O3' SAH J . -6.37 -24.61 -4.06
C2' SAH J . -4.50 -23.55 -5.17
O2' SAH J . -5.45 -23.57 -6.20
C1' SAH J . -4.00 -22.13 -4.99
N9 SAH J . -2.55 -22.12 -5.25
C8 SAH J . -1.64 -23.05 -4.84
N7 SAH J . -0.41 -22.70 -5.30
C5 SAH J . -0.53 -21.56 -6.01
C6 SAH J . 0.41 -20.78 -6.68
N6 SAH J . 1.68 -21.12 -6.71
N1 SAH J . 0.00 -19.63 -7.33
C2 SAH J . -1.34 -19.28 -7.30
N3 SAH J . -2.26 -20.05 -6.63
C4 SAH J . -1.86 -21.18 -5.99
N MET K . -3.90 -27.03 1.65
CA MET K . -5.32 -27.00 1.27
C MET K . -5.54 -27.61 -0.10
O MET K . -4.59 -27.82 -0.87
CB MET K . -5.85 -25.57 1.31
CG MET K . -5.60 -24.78 0.03
SD MET K . -3.86 -24.56 -0.37
CE MET K . -3.32 -23.51 0.98
OXT MET K . -6.67 -27.91 -0.49
N1 5AD L . 0.02 -19.60 -7.28
C2 5AD L . -1.25 -19.21 -7.19
N3 5AD L . -2.19 -19.97 -6.64
C4 5AD L . -1.87 -21.19 -6.15
N9 5AD L . -2.59 -22.18 -5.53
C8 5AD L . -1.76 -23.18 -5.25
N7 5AD L . -0.53 -22.88 -5.65
C5 5AD L . -0.57 -21.64 -6.22
C6 5AD L . 0.40 -20.78 -6.82
N6 5AD L . 1.78 -21.19 -6.92
C1' 5AD L . -3.91 -22.12 -5.28
C2' 5AD L . -4.52 -23.56 -5.09
C3' 5AD L . -4.84 -23.60 -3.89
C4' 5AD L . -5.22 -22.05 -3.53
C5' 5AD L . -5.35 -21.83 -2.03
O4' 5AD L . -4.21 -21.40 -4.00
O2' 5AD L . -5.74 -23.69 -5.98
O3' 5AD L . -6.00 -24.51 -3.69
C10 ICB M . -8.61 -18.01 -2.23
C01 ICB M . -4.36 -14.92 -1.99
C02 ICB M . -5.34 -13.95 -2.13
C03 ICB M . -6.65 -14.29 -1.83
C04 ICB M . -6.96 -15.51 -1.41
C05 ICB M . -6.01 -16.45 -1.27
C06 ICB M . -4.73 -16.17 -1.55
C07 ICB M . -6.59 -17.64 -0.81
C08 ICB M . -8.09 -17.49 -1.04
N09 ICB M . -8.15 -16.02 -1.06
O11 ICB M . -7.87 -17.99 -3.24
O12 ICB M . -9.78 -18.47 -2.18
FE1 SF4 N . 3.03 29.61 -0.04
FE2 SF4 N . 0.80 28.73 -1.25
FE3 SF4 N . 1.04 28.60 1.43
FE4 SF4 N . 2.49 26.86 -0.12
S1 SF4 N . 0.20 26.95 0.07
S2 SF4 N . 3.26 28.07 1.67
S3 SF4 N . 2.95 28.25 -1.90
S4 SF4 N . 0.94 30.53 0.17
N SAH O . 2.70 25.10 -1.67
CA SAH O . 3.37 24.01 -0.97
CB SAH O . 4.89 24.17 -0.99
CG SAH O . 5.40 25.39 -0.23
SD SAH O . 7.17 25.78 -0.46
C SAH O . 2.86 23.94 0.47
O SAH O . 2.59 24.97 1.09
OXT SAH O . 2.67 22.86 1.05
C5' SAH O . 7.71 24.60 0.79
C4' SAH O . 7.96 25.13 2.20
O4' SAH O . 8.68 26.35 2.26
C3' SAH O . 6.71 25.41 3.03
O3' SAH O . 6.10 24.23 3.47
C2' SAH O . 7.27 26.25 4.16
O2' SAH O . 7.65 25.44 5.24
C1' SAH O . 8.53 26.87 3.57
N9 SAH O . 8.40 28.34 3.62
C8 SAH O . 7.27 29.06 3.36
N7 SAH O . 7.55 30.38 3.52
C5 SAH O . 8.84 30.50 3.89
C6 SAH O . 9.64 31.61 4.20
N6 SAH O . 9.13 32.84 4.13
N1 SAH O . 10.95 31.42 4.55
C2 SAH O . 11.48 30.15 4.62
N3 SAH O . 10.69 29.05 4.32
C4 SAH O . 9.39 29.23 3.97
N MET P . 2.39 25.09 -1.66
CA MET P . 2.68 23.81 -1.02
C MET P . 2.41 23.88 0.48
O MET P . 2.29 24.96 1.05
CB MET P . 4.13 23.39 -1.27
CG MET P . 5.14 24.00 -0.32
SD MET P . 5.24 25.81 -0.43
CE MET P . 5.86 26.00 -2.10
OXT MET P . 2.29 22.84 1.15
N1 5AD Q . 11.00 31.41 4.41
C2 5AD Q . 11.49 30.18 4.51
N3 5AD Q . 10.74 29.10 4.33
C4 5AD Q . 9.41 29.23 4.04
N9 5AD Q . 8.42 28.33 3.81
C8 5AD Q . 7.30 29.00 3.57
N7 5AD Q . 7.55 30.31 3.64
C5 5AD Q . 8.87 30.48 3.93
C6 5AD Q . 9.72 31.61 4.13
N6 5AD Q . 9.19 32.96 4.02
C1' 5AD Q . 8.56 26.99 3.83
C2' 5AD Q . 7.18 26.25 4.03
C3' 5AD Q . 6.97 25.67 2.95
C4' 5AD Q . 8.47 25.36 2.36
C5' 5AD Q . 8.43 25.01 0.89
O4' 5AD Q . 9.11 26.46 2.53
O2' 5AD Q . 7.32 25.26 5.16
O3' 5AD Q . 6.20 24.41 3.16
C10 ICB R . 12.55 21.99 0.96
C01 ICB R . 15.09 26.34 -0.63
C02 ICB R . 16.17 25.48 -0.50
C03 ICB R . 15.92 24.11 -0.50
C04 ICB R . 14.68 23.64 -0.62
C05 ICB R . 13.63 24.48 -0.73
C06 ICB R . 13.82 25.80 -0.75
C07 ICB R . 12.45 23.73 -0.86
C08 ICB R . 12.80 22.31 -0.39
N09 ICB R . 14.25 22.38 -0.65
O11 ICB R . 12.70 22.89 1.82
O12 ICB R . 12.18 20.81 1.20
C1 GOL S . 16.06 8.09 1.61
O1 GOL S . 16.83 7.55 2.64
C2 GOL S . 15.20 9.19 2.25
O2 GOL S . 15.98 10.15 2.90
C3 GOL S . 14.37 9.77 1.08
O3 GOL S . 13.43 10.63 1.64
C1 GOL T . 2.51 33.99 15.68
O1 GOL T . 3.11 35.22 15.98
C2 GOL T . 2.00 33.37 16.99
O2 GOL T . 1.20 32.26 16.76
C3 GOL T . 3.28 33.04 17.82
O3 GOL T . 2.98 31.97 18.68
C1 GOL U . 14.95 5.78 31.47
C1 GOL U . 15.10 5.94 31.52
O1 GOL U . 14.58 7.12 31.45
O1 GOL U . 14.47 7.18 31.48
C2 GOL U . 15.95 5.58 30.30
C2 GOL U . 15.65 5.66 30.11
O2 GOL U . 16.32 4.25 30.18
O2 GOL U . 14.66 5.74 29.14
C3 GOL U . 15.21 6.09 29.06
C3 GOL U . 16.27 4.25 30.19
O3 GOL U . 14.00 5.41 29.00
O3 GOL U . 16.92 4.01 28.97
BR BR V . 29.21 8.13 3.56
BR BR W . 24.64 9.16 -7.53
NA NA X . 29.38 12.05 -4.34
BR BR Y . 12.72 36.42 8.16
K K Z . 21.06 8.41 35.52
#